data_1VHA
#
_entry.id   1VHA
#
_cell.length_a   104.715
_cell.length_b   104.715
_cell.length_c   195.864
_cell.angle_alpha   90.00
_cell.angle_beta   90.00
_cell.angle_gamma   90.00
#
_symmetry.space_group_name_H-M   'I 41'
#
loop_
_entity.id
_entity.type
_entity.pdbx_description
1 polymer '2-C-methyl-D-erythritol 2,4-cyclodiphosphate synthase'
2 non-polymer 'MANGANESE (II) ION'
3 non-polymer 'ACETIC ACID'
4 non-polymer 'PYROPHOSPHATE 2-'
5 water water
#
_entity_poly.entity_id   1
_entity_poly.type   'polypeptide(L)'
_entity_poly.pdbx_seq_one_letter_code
;(MSE)SLIRIGHGFDVHAFGEDRPLIIGGVEVPYHTGFIAHSDGDVALHALTDAILGAAALGDIGKLFPDTD(MSE)QYK
NADSRGLLREAFRQVQEKGYKIGNVDITIIAQAPK(MSE)RPHIDA(MSE)RAKIAEDLQCDIEQVNVKATTTEKLGFTG
RQEGIACEAVALLIRQEGGSHHHHHH
;
_entity_poly.pdbx_strand_id   A,B,C,D,E,F
#
loop_
_chem_comp.id
_chem_comp.type
_chem_comp.name
_chem_comp.formula
ACY non-polymer 'ACETIC ACID' 'C2 H4 O2'
MN non-polymer 'MANGANESE (II) ION' 'Mn 2'
POP non-polymer 'PYROPHOSPHATE 2-' 'H2 O7 P2 -2'
#
# COMPACT_ATOMS: atom_id res chain seq x y z
N SER A 2 26.83 8.28 35.98
CA SER A 2 27.04 8.23 34.51
C SER A 2 27.09 9.65 33.93
N LEU A 3 27.24 9.75 32.62
CA LEU A 3 27.29 11.06 31.97
C LEU A 3 25.94 11.31 31.31
N ILE A 4 25.20 10.24 31.06
CA ILE A 4 23.89 10.35 30.44
C ILE A 4 23.00 9.22 30.92
N ARG A 5 21.77 9.56 31.30
CA ARG A 5 20.83 8.55 31.80
C ARG A 5 19.44 8.68 31.18
N ILE A 6 18.80 7.53 30.94
CA ILE A 6 17.47 7.50 30.35
C ILE A 6 16.44 6.99 31.37
N GLY A 7 15.25 7.59 31.37
CA GLY A 7 14.21 7.17 32.28
C GLY A 7 12.85 7.08 31.59
N HIS A 8 11.95 6.29 32.16
CA HIS A 8 10.61 6.13 31.61
C HIS A 8 9.54 6.18 32.68
N GLY A 9 8.42 6.79 32.34
CA GLY A 9 7.31 6.89 33.28
C GLY A 9 5.96 6.66 32.62
N PHE A 10 5.04 6.07 33.39
CA PHE A 10 3.70 5.80 32.92
C PHE A 10 2.74 6.01 34.07
N ASP A 11 1.61 6.64 33.79
CA ASP A 11 0.62 6.88 34.83
C ASP A 11 -0.80 6.93 34.28
N VAL A 12 -1.75 6.61 35.15
CA VAL A 12 -3.15 6.59 34.80
C VAL A 12 -4.00 7.27 35.86
N HIS A 13 -5.04 7.96 35.41
CA HIS A 13 -5.95 8.59 36.33
C HIS A 13 -7.37 8.13 35.99
N ALA A 14 -7.99 7.41 36.91
CA ALA A 14 -9.35 6.93 36.69
C ALA A 14 -10.27 8.09 37.07
N PHE A 15 -11.33 8.30 36.31
CA PHE A 15 -12.25 9.38 36.60
C PHE A 15 -13.11 9.06 37.81
N GLY A 16 -13.24 10.03 38.69
CA GLY A 16 -14.04 9.87 39.87
C GLY A 16 -14.89 11.11 40.04
N GLU A 17 -15.91 11.03 40.89
CA GLU A 17 -16.79 12.15 41.13
C GLU A 17 -17.09 12.33 42.60
N ASP A 18 -17.32 13.57 42.99
CA ASP A 18 -17.62 13.91 44.38
C ASP A 18 -19.01 14.51 44.46
N ARG A 19 -19.85 13.98 45.35
CA ARG A 19 -21.20 14.52 45.52
C ARG A 19 -21.56 14.66 47.00
N PRO A 20 -22.28 15.74 47.36
CA PRO A 20 -22.67 15.96 48.75
C PRO A 20 -23.93 15.16 49.11
N LEU A 21 -23.97 14.66 50.33
CA LEU A 21 -25.12 13.89 50.80
C LEU A 21 -25.50 14.30 52.22
N ILE A 22 -26.75 14.06 52.58
CA ILE A 22 -27.21 14.36 53.93
C ILE A 22 -27.47 12.98 54.57
N ILE A 23 -26.68 12.67 55.59
CA ILE A 23 -26.78 11.40 56.28
C ILE A 23 -26.79 11.64 57.79
N GLY A 24 -27.92 11.33 58.43
CA GLY A 24 -28.03 11.54 59.86
C GLY A 24 -28.11 13.02 60.17
N GLY A 25 -28.77 13.76 59.28
CA GLY A 25 -28.92 15.19 59.45
C GLY A 25 -27.62 15.95 59.19
N VAL A 26 -26.55 15.21 58.88
CA VAL A 26 -25.25 15.84 58.64
C VAL A 26 -24.81 15.78 57.17
N GLU A 27 -24.39 16.92 56.64
CA GLU A 27 -23.93 17.00 55.26
C GLU A 27 -22.56 16.34 55.18
N VAL A 28 -22.44 15.33 54.32
CA VAL A 28 -21.18 14.61 54.17
C VAL A 28 -20.84 14.44 52.70
N PRO A 29 -19.55 14.40 52.37
CA PRO A 29 -19.09 14.24 50.99
C PRO A 29 -19.05 12.76 50.58
N TYR A 30 -19.54 12.44 49.39
CA TYR A 30 -19.53 11.06 48.91
C TYR A 30 -18.77 10.96 47.60
N HIS A 31 -17.69 10.19 47.60
CA HIS A 31 -16.86 10.04 46.41
C HIS A 31 -17.18 8.80 45.57
N THR A 32 -17.41 9.01 44.28
CA THR A 32 -17.69 7.92 43.37
C THR A 32 -16.46 7.68 42.52
N GLY A 33 -16.16 6.41 42.26
CA GLY A 33 -15.00 6.10 41.46
C GLY A 33 -13.76 5.87 42.29
N PHE A 34 -12.63 5.72 41.64
CA PHE A 34 -11.35 5.48 42.31
C PHE A 34 -10.99 6.64 43.23
N ILE A 35 -10.47 6.31 44.40
CA ILE A 35 -10.08 7.33 45.37
C ILE A 35 -8.69 7.86 45.10
N ALA A 36 -8.63 9.08 44.59
CA ALA A 36 -7.37 9.71 44.26
C ALA A 36 -6.64 10.24 45.49
N HIS A 37 -5.32 10.19 45.44
CA HIS A 37 -4.47 10.68 46.51
C HIS A 37 -3.53 11.70 45.88
N SER A 38 -4.01 12.33 44.81
CA SER A 38 -3.24 13.32 44.08
C SER A 38 -4.21 14.19 43.27
N ASP A 39 -3.68 15.10 42.47
CA ASP A 39 -4.52 15.95 41.64
C ASP A 39 -4.82 15.22 40.32
N GLY A 40 -4.32 14.00 40.21
CA GLY A 40 -4.55 13.20 39.02
C GLY A 40 -3.75 13.66 37.81
N ASP A 41 -2.76 14.53 38.04
CA ASP A 41 -1.95 15.04 36.94
C ASP A 41 -1.07 13.95 36.38
N VAL A 42 -1.63 13.29 35.39
CA VAL A 42 -1.01 12.18 34.72
C VAL A 42 0.28 12.56 33.97
N ALA A 43 0.29 13.72 33.33
CA ALA A 43 1.48 14.15 32.60
C ALA A 43 2.65 14.39 33.55
N LEU A 44 2.40 15.04 34.68
CA LEU A 44 3.48 15.30 35.63
C LEU A 44 3.88 14.05 36.40
N HIS A 45 2.92 13.19 36.75
CA HIS A 45 3.27 11.96 37.46
C HIS A 45 4.21 11.10 36.59
N ALA A 46 3.83 10.88 35.33
CA ALA A 46 4.66 10.07 34.43
C ALA A 46 6.05 10.72 34.26
N LEU A 47 6.07 12.04 34.05
CA LEU A 47 7.32 12.76 33.88
C LEU A 47 8.20 12.65 35.12
N THR A 48 7.55 12.66 36.29
CA THR A 48 8.24 12.56 37.56
C THR A 48 8.83 11.17 37.72
N ASP A 49 8.10 10.15 37.29
CA ASP A 49 8.62 8.78 37.40
C ASP A 49 9.78 8.59 36.43
N ALA A 50 9.72 9.25 35.28
CA ALA A 50 10.77 9.13 34.27
C ALA A 50 12.12 9.69 34.76
N ILE A 51 12.08 10.87 35.37
CA ILE A 51 13.30 11.50 35.87
C ILE A 51 13.89 10.73 37.06
N LEU A 52 13.04 10.32 37.99
CA LEU A 52 13.51 9.57 39.14
C LEU A 52 14.09 8.22 38.69
N GLY A 53 13.48 7.64 37.65
CA GLY A 53 13.93 6.36 37.15
C GLY A 53 15.27 6.40 36.42
N ALA A 54 15.51 7.49 35.69
CA ALA A 54 16.76 7.64 34.98
C ALA A 54 17.94 7.79 35.95
N ALA A 55 17.65 8.34 37.12
CA ALA A 55 18.67 8.57 38.15
C ALA A 55 18.68 7.44 39.17
N ALA A 56 17.87 6.43 38.90
CA ALA A 56 17.78 5.27 39.79
C ALA A 56 17.29 5.61 41.19
N LEU A 57 16.34 6.55 41.28
CA LEU A 57 15.79 6.94 42.57
C LEU A 57 14.45 6.27 42.89
N GLY A 58 14.06 5.31 42.06
CA GLY A 58 12.80 4.60 42.29
C GLY A 58 11.62 5.17 41.53
N ASP A 59 10.67 5.74 42.26
CA ASP A 59 9.49 6.32 41.64
C ASP A 59 8.84 7.37 42.52
N ILE A 60 7.83 8.04 41.99
CA ILE A 60 7.13 9.09 42.69
C ILE A 60 6.72 8.70 44.11
N GLY A 61 6.55 7.41 44.35
CA GLY A 61 6.15 6.97 45.68
C GLY A 61 7.20 6.99 46.77
N LYS A 62 8.18 7.88 46.66
CA LYS A 62 9.24 7.97 47.67
C LYS A 62 9.72 9.40 47.85
N LEU A 63 8.94 10.36 47.36
CA LEU A 63 9.33 11.76 47.46
C LEU A 63 9.06 12.40 48.82
N PHE A 64 8.11 11.85 49.57
CA PHE A 64 7.78 12.39 50.88
C PHE A 64 7.24 11.30 51.80
N PRO A 65 8.13 10.62 52.54
CA PRO A 65 7.71 9.54 53.45
C PRO A 65 6.97 10.05 54.68
N LYS A 72 1.85 19.15 49.87
CA LYS A 72 1.71 17.70 50.03
C LYS A 72 1.65 17.03 48.65
N ASN A 73 1.01 15.87 48.58
CA ASN A 73 0.87 15.10 47.34
C ASN A 73 -0.28 15.62 46.48
N ALA A 74 -1.09 16.51 47.02
CA ALA A 74 -2.21 17.06 46.28
C ALA A 74 -1.72 17.90 45.10
N ASP A 75 -0.49 18.39 45.18
CA ASP A 75 0.08 19.22 44.12
C ASP A 75 1.22 18.47 43.43
N SER A 76 1.06 18.23 42.13
CA SER A 76 2.05 17.50 41.36
C SER A 76 3.27 18.29 40.90
N ARG A 77 3.21 19.61 40.95
CA ARG A 77 4.38 20.39 40.55
C ARG A 77 5.34 20.35 41.74
N GLY A 78 4.77 20.20 42.93
CA GLY A 78 5.58 20.13 44.12
C GLY A 78 6.37 18.83 44.09
N LEU A 79 5.70 17.75 43.68
CA LEU A 79 6.37 16.45 43.61
C LEU A 79 7.44 16.48 42.52
N LEU A 80 7.11 17.10 41.40
CA LEU A 80 8.05 17.22 40.28
C LEU A 80 9.31 17.97 40.72
N ARG A 81 9.15 19.14 41.36
CA ARG A 81 10.30 19.90 41.83
C ARG A 81 11.15 19.07 42.78
N GLU A 82 10.50 18.44 43.76
CA GLU A 82 11.20 17.60 44.73
C GLU A 82 12.02 16.52 44.02
N ALA A 83 11.49 15.98 42.93
CA ALA A 83 12.20 14.94 42.20
C ALA A 83 13.43 15.55 41.53
N PHE A 84 13.24 16.73 40.94
CA PHE A 84 14.33 17.42 40.28
C PHE A 84 15.40 17.84 41.28
N ARG A 85 14.96 18.24 42.47
CA ARG A 85 15.89 18.66 43.50
C ARG A 85 16.84 17.49 43.75
N GLN A 86 16.26 16.33 44.01
CA GLN A 86 17.02 15.11 44.27
C GLN A 86 17.90 14.68 43.10
N VAL A 87 17.42 14.84 41.88
CA VAL A 87 18.20 14.46 40.72
C VAL A 87 19.47 15.33 40.64
N GLN A 88 19.31 16.61 40.98
CA GLN A 88 20.44 17.53 40.97
C GLN A 88 21.44 17.14 42.06
N GLU A 89 20.92 16.67 43.20
CA GLU A 89 21.79 16.26 44.29
C GLU A 89 22.73 15.16 43.85
N LYS A 90 22.34 14.41 42.82
CA LYS A 90 23.17 13.33 42.32
C LYS A 90 24.02 13.81 41.16
N GLY A 91 23.96 15.10 40.87
CA GLY A 91 24.75 15.67 39.80
C GLY A 91 24.15 15.80 38.42
N TYR A 92 22.84 15.58 38.28
CA TYR A 92 22.21 15.66 36.96
C TYR A 92 21.34 16.89 36.72
N LYS A 93 21.19 17.21 35.45
CA LYS A 93 20.35 18.31 35.01
C LYS A 93 19.63 17.67 33.82
N ILE A 94 18.57 18.32 33.34
CA ILE A 94 17.81 17.77 32.23
C ILE A 94 18.46 17.88 30.85
N GLY A 95 18.42 16.78 30.11
CA GLY A 95 18.92 16.79 28.75
C GLY A 95 17.72 17.30 27.98
N ASN A 96 16.66 16.48 27.98
CA ASN A 96 15.39 16.82 27.34
C ASN A 96 14.35 15.79 27.75
N VAL A 97 13.08 16.16 27.72
CA VAL A 97 12.00 15.25 28.06
C VAL A 97 10.90 15.30 26.99
N ASP A 98 10.19 14.19 26.83
CA ASP A 98 9.11 14.11 25.85
C ASP A 98 7.94 13.40 26.53
N ILE A 99 6.77 14.01 26.47
CA ILE A 99 5.59 13.48 27.14
C ILE A 99 4.48 13.18 26.15
N THR A 100 3.87 12.02 26.32
CA THR A 100 2.79 11.62 25.43
C THR A 100 1.51 11.34 26.24
N ILE A 101 0.55 12.26 26.14
CA ILE A 101 -0.72 12.13 26.86
C ILE A 101 -1.64 11.25 26.02
N ILE A 102 -2.30 10.31 26.68
CA ILE A 102 -3.21 9.39 25.98
C ILE A 102 -4.63 9.62 26.50
N ALA A 103 -5.44 10.34 25.73
CA ALA A 103 -6.81 10.66 26.15
C ALA A 103 -7.79 10.79 24.98
N GLN A 104 -9.03 10.36 25.19
CA GLN A 104 -10.04 10.44 24.15
C GLN A 104 -10.58 11.87 24.10
N ALA A 105 -9.67 12.82 23.98
CA ALA A 105 -10.03 14.24 23.94
C ALA A 105 -9.46 14.90 22.70
N PRO A 106 -9.91 16.11 22.40
CA PRO A 106 -9.40 16.82 21.22
C PRO A 106 -8.49 18.02 21.50
N LYS A 107 -9.11 19.13 21.88
CA LYS A 107 -8.45 20.41 22.12
C LYS A 107 -7.61 20.59 23.38
N MSE A 108 -6.29 20.48 23.22
CA MSE A 108 -5.34 20.65 24.30
C MSE A 108 -4.14 21.48 23.83
O MSE A 108 -3.38 22.00 24.63
CB MSE A 108 -4.87 19.29 24.84
CG MSE A 108 -5.52 18.91 26.16
SE MSE A 108 -4.93 17.21 26.87
CE MSE A 108 -6.51 16.16 26.47
N ARG A 109 -4.00 21.58 22.51
CA ARG A 109 -2.89 22.35 21.94
C ARG A 109 -2.79 23.75 22.51
N PRO A 110 -3.93 24.41 22.75
CA PRO A 110 -3.88 25.76 23.30
C PRO A 110 -3.23 25.72 24.68
N HIS A 111 -3.43 24.61 25.38
CA HIS A 111 -2.90 24.43 26.72
C HIS A 111 -1.53 23.78 26.80
N ILE A 112 -1.10 23.14 25.71
CA ILE A 112 0.19 22.46 25.69
C ILE A 112 1.38 23.37 26.05
N ASP A 113 1.54 24.45 25.30
CA ASP A 113 2.64 25.38 25.55
C ASP A 113 2.66 25.84 26.99
N ALA A 114 1.49 26.09 27.57
CA ALA A 114 1.41 26.52 28.95
C ALA A 114 1.97 25.42 29.84
N MSE A 115 1.68 24.17 29.49
CA MSE A 115 2.19 23.03 30.26
C MSE A 115 3.72 23.01 30.18
O MSE A 115 4.41 22.85 31.18
CB MSE A 115 1.64 21.72 29.71
CG MSE A 115 0.19 21.43 30.08
SE MSE A 115 -0.48 19.82 29.18
CE MSE A 115 -2.32 20.41 28.90
N ARG A 116 4.22 23.15 28.96
CA ARG A 116 5.65 23.14 28.70
C ARG A 116 6.38 24.18 29.56
N ALA A 117 5.86 25.40 29.57
CA ALA A 117 6.47 26.47 30.33
C ALA A 117 6.55 26.10 31.80
N LYS A 118 5.44 25.60 32.34
CA LYS A 118 5.41 25.20 33.74
C LYS A 118 6.44 24.12 34.02
N ILE A 119 6.52 23.12 33.14
CA ILE A 119 7.48 22.05 33.31
C ILE A 119 8.89 22.63 33.19
N ALA A 120 9.12 23.45 32.17
CA ALA A 120 10.42 24.08 31.96
C ALA A 120 10.82 24.81 33.23
N GLU A 121 9.86 25.48 33.85
CA GLU A 121 10.11 26.21 35.08
C GLU A 121 10.51 25.32 36.26
N ASP A 122 9.77 24.23 36.48
CA ASP A 122 10.06 23.31 37.59
C ASP A 122 11.30 22.47 37.40
N LEU A 123 11.76 22.33 36.15
CA LEU A 123 12.96 21.56 35.87
C LEU A 123 14.13 22.49 35.60
N GLN A 124 13.89 23.80 35.73
CA GLN A 124 14.91 24.82 35.53
C GLN A 124 15.67 24.64 34.22
N CYS A 125 14.94 24.49 33.12
CA CYS A 125 15.56 24.31 31.81
C CYS A 125 14.80 25.15 30.81
N ASP A 126 15.25 25.16 29.57
CA ASP A 126 14.57 25.91 28.53
C ASP A 126 13.35 25.10 28.09
N ILE A 127 12.34 25.80 27.59
CA ILE A 127 11.11 25.16 27.12
C ILE A 127 11.45 24.33 25.87
N GLU A 128 12.57 24.66 25.25
CA GLU A 128 13.04 23.98 24.05
C GLU A 128 13.41 22.53 24.37
N GLN A 129 13.62 22.24 25.65
CA GLN A 129 13.98 20.90 26.09
C GLN A 129 12.76 20.10 26.56
N VAL A 130 11.58 20.70 26.44
CA VAL A 130 10.35 20.05 26.88
C VAL A 130 9.31 19.92 25.77
N ASN A 131 8.94 18.69 25.45
CA ASN A 131 7.94 18.44 24.43
C ASN A 131 6.77 17.71 25.06
N VAL A 132 5.57 18.11 24.68
CA VAL A 132 4.35 17.48 25.17
C VAL A 132 3.46 17.26 23.96
N LYS A 133 2.80 16.11 23.91
CA LYS A 133 1.89 15.81 22.82
C LYS A 133 0.73 15.01 23.39
N ALA A 134 -0.38 14.99 22.66
CA ALA A 134 -1.56 14.25 23.07
C ALA A 134 -2.02 13.41 21.89
N THR A 135 -2.46 12.20 22.17
CA THR A 135 -2.92 11.32 21.12
C THR A 135 -4.08 10.49 21.68
N THR A 136 -4.86 9.86 20.80
CA THR A 136 -6.00 9.06 21.24
C THR A 136 -5.84 7.60 20.88
N THR A 137 -6.73 6.77 21.41
CA THR A 137 -6.72 5.35 21.11
C THR A 137 -7.90 5.04 20.19
N GLU A 138 -8.45 6.09 19.57
CA GLU A 138 -9.57 5.96 18.63
C GLU A 138 -10.75 5.19 19.19
N LYS A 139 -11.21 5.61 20.38
CA LYS A 139 -12.37 4.99 21.03
C LYS A 139 -12.13 3.61 21.61
N LEU A 140 -10.89 3.13 21.58
CA LEU A 140 -10.59 1.79 22.10
C LEU A 140 -9.97 1.84 23.49
N GLY A 141 -10.11 0.75 24.24
CA GLY A 141 -9.51 0.67 25.57
C GLY A 141 -10.18 1.56 26.61
N PHE A 142 -9.65 1.53 27.84
CA PHE A 142 -10.25 2.36 28.89
C PHE A 142 -10.18 3.86 28.62
N THR A 143 -9.15 4.32 27.93
CA THR A 143 -9.08 5.75 27.63
C THR A 143 -10.08 6.04 26.51
N GLY A 144 -10.21 5.09 25.58
CA GLY A 144 -11.13 5.24 24.48
C GLY A 144 -12.58 5.27 24.94
N ARG A 145 -12.92 4.46 25.94
CA ARG A 145 -14.27 4.44 26.48
C ARG A 145 -14.47 5.59 27.46
N GLN A 146 -13.43 6.40 27.63
CA GLN A 146 -13.49 7.57 28.51
C GLN A 146 -13.67 7.28 30.00
N GLU A 147 -12.98 6.26 30.49
CA GLU A 147 -13.05 5.88 31.89
C GLU A 147 -11.90 6.51 32.68
N GLY A 148 -10.94 7.06 31.94
CA GLY A 148 -9.81 7.71 32.55
C GLY A 148 -8.84 8.16 31.49
N ILE A 149 -7.65 8.58 31.92
CA ILE A 149 -6.65 9.02 30.98
C ILE A 149 -5.32 8.44 31.39
N ALA A 150 -4.37 8.43 30.47
CA ALA A 150 -3.07 7.89 30.79
C ALA A 150 -2.01 8.79 30.20
N CYS A 151 -0.77 8.47 30.51
CA CYS A 151 0.33 9.26 29.99
C CYS A 151 1.63 8.51 30.09
N GLU A 152 2.48 8.71 29.10
CA GLU A 152 3.77 8.07 29.09
C GLU A 152 4.80 9.17 28.96
N ALA A 153 6.00 8.93 29.47
CA ALA A 153 7.05 9.94 29.36
C ALA A 153 8.42 9.33 29.40
N VAL A 154 9.35 9.95 28.68
CA VAL A 154 10.73 9.52 28.64
C VAL A 154 11.60 10.74 28.97
N ALA A 155 12.73 10.50 29.61
CA ALA A 155 13.60 11.59 29.98
C ALA A 155 15.07 11.22 29.82
N LEU A 156 15.86 12.20 29.43
CA LEU A 156 17.29 11.99 29.27
C LEU A 156 17.99 12.95 30.23
N LEU A 157 18.75 12.40 31.16
CA LEU A 157 19.48 13.20 32.13
C LEU A 157 20.93 13.34 31.72
N ILE A 158 21.56 14.43 32.14
CA ILE A 158 22.96 14.67 31.83
C ILE A 158 23.67 15.26 33.03
N ARG A 159 24.98 15.03 33.12
CA ARG A 159 25.76 15.56 34.22
C ARG A 159 26.03 17.05 33.99
N GLN A 160 25.59 17.89 34.92
CA GLN A 160 25.81 19.32 34.77
C GLN A 160 27.20 19.70 35.28
N SER B 2 27.64 4.15 15.80
CA SER B 2 27.18 4.92 17.00
C SER B 2 27.78 4.34 18.27
N LEU B 3 27.90 5.18 19.30
CA LEU B 3 28.47 4.74 20.56
C LEU B 3 27.43 4.74 21.68
N ILE B 4 26.24 5.25 21.38
CA ILE B 4 25.16 5.29 22.36
C ILE B 4 23.86 4.87 21.69
N ARG B 5 23.20 3.87 22.27
CA ARG B 5 21.95 3.34 21.72
C ARG B 5 20.79 3.33 22.72
N ILE B 6 19.59 3.53 22.19
CA ILE B 6 18.38 3.52 23.02
C ILE B 6 17.48 2.38 22.57
N GLY B 7 16.74 1.80 23.50
CA GLY B 7 15.84 0.70 23.17
C GLY B 7 14.61 0.66 24.07
N HIS B 8 13.55 0.02 23.59
CA HIS B 8 12.31 -0.06 24.34
C HIS B 8 11.64 -1.44 24.28
N GLY B 9 10.99 -1.81 25.39
CA GLY B 9 10.30 -3.08 25.45
C GLY B 9 8.97 -2.99 26.18
N PHE B 10 8.04 -3.85 25.78
CA PHE B 10 6.70 -3.92 26.36
C PHE B 10 6.36 -5.39 26.35
N ASP B 11 5.77 -5.89 27.44
CA ASP B 11 5.44 -7.30 27.54
C ASP B 11 4.22 -7.49 28.41
N VAL B 12 3.49 -8.57 28.16
CA VAL B 12 2.29 -8.87 28.91
C VAL B 12 2.21 -10.35 29.26
N HIS B 13 1.72 -10.64 30.46
CA HIS B 13 1.50 -12.02 30.85
C HIS B 13 0.05 -12.11 31.29
N ALA B 14 -0.72 -12.98 30.65
CA ALA B 14 -2.12 -13.15 31.01
C ALA B 14 -2.22 -14.31 32.00
N PHE B 15 -3.01 -14.10 33.05
CA PHE B 15 -3.19 -15.13 34.06
C PHE B 15 -3.95 -16.33 33.53
N GLY B 16 -3.53 -17.51 33.96
CA GLY B 16 -4.16 -18.74 33.55
C GLY B 16 -4.07 -19.71 34.71
N GLU B 17 -4.90 -20.74 34.71
CA GLU B 17 -4.86 -21.71 35.79
C GLU B 17 -4.93 -23.16 35.35
N ASP B 18 -4.47 -24.04 36.22
CA ASP B 18 -4.51 -25.46 35.93
C ASP B 18 -5.38 -26.15 36.96
N ARG B 19 -5.98 -27.26 36.54
CA ARG B 19 -6.85 -28.02 37.40
C ARG B 19 -6.86 -29.47 36.89
N PRO B 20 -6.93 -30.43 37.82
CA PRO B 20 -6.94 -31.84 37.44
C PRO B 20 -8.33 -32.29 37.01
N LEU B 21 -8.38 -33.17 36.02
CA LEU B 21 -9.65 -33.72 35.53
C LEU B 21 -9.54 -35.22 35.31
N ILE B 22 -10.61 -35.93 35.61
CA ILE B 22 -10.65 -37.37 35.43
C ILE B 22 -11.46 -37.63 34.15
N ILE B 23 -10.79 -38.16 33.14
CA ILE B 23 -11.45 -38.46 31.87
C ILE B 23 -11.05 -39.86 31.43
N GLY B 24 -12.04 -40.73 31.22
CA GLY B 24 -11.77 -42.10 30.83
C GLY B 24 -10.97 -42.84 31.89
N GLY B 25 -11.20 -42.53 33.17
CA GLY B 25 -10.47 -43.20 34.25
C GLY B 25 -9.02 -42.75 34.43
N VAL B 26 -8.63 -41.72 33.70
CA VAL B 26 -7.27 -41.21 33.76
C VAL B 26 -7.29 -39.73 34.14
N GLU B 27 -6.35 -39.31 34.97
CA GLU B 27 -6.32 -37.90 35.36
C GLU B 27 -5.50 -37.14 34.34
N VAL B 28 -6.07 -36.07 33.83
CA VAL B 28 -5.38 -35.26 32.84
C VAL B 28 -5.39 -33.80 33.29
N PRO B 29 -4.31 -33.05 33.03
CA PRO B 29 -4.28 -31.65 33.45
C PRO B 29 -5.06 -30.78 32.47
N TYR B 30 -5.78 -29.80 32.99
CA TYR B 30 -6.54 -28.91 32.13
C TYR B 30 -6.14 -27.48 32.41
N HIS B 31 -5.74 -26.79 31.36
CA HIS B 31 -5.32 -25.42 31.46
C HIS B 31 -6.40 -24.45 31.01
N THR B 32 -6.60 -23.40 31.79
CA THR B 32 -7.57 -22.38 31.45
C THR B 32 -6.83 -21.07 31.18
N GLY B 33 -7.16 -20.40 30.08
CA GLY B 33 -6.50 -19.14 29.75
C GLY B 33 -5.34 -19.31 28.80
N PHE B 34 -4.65 -18.22 28.51
CA PHE B 34 -3.53 -18.24 27.59
C PHE B 34 -2.52 -19.30 27.99
N ILE B 35 -1.99 -20.00 27.00
CA ILE B 35 -1.01 -21.04 27.27
C ILE B 35 0.36 -20.38 27.43
N ALA B 36 0.97 -20.58 28.58
CA ALA B 36 2.27 -19.97 28.83
C ALA B 36 3.44 -20.73 28.22
N HIS B 37 4.44 -19.99 27.79
CA HIS B 37 5.63 -20.57 27.20
C HIS B 37 6.83 -19.92 27.87
N SER B 38 6.68 -19.59 29.14
CA SER B 38 7.73 -18.97 29.94
C SER B 38 7.27 -18.89 31.38
N ASP B 39 8.14 -18.40 32.25
CA ASP B 39 7.80 -18.25 33.66
C ASP B 39 6.87 -17.06 33.82
N GLY B 40 6.66 -16.32 32.73
CA GLY B 40 5.77 -15.17 32.75
C GLY B 40 6.39 -13.92 33.33
N ASP B 41 7.72 -13.89 33.42
CA ASP B 41 8.40 -12.72 33.98
C ASP B 41 8.35 -11.57 32.99
N VAL B 42 7.34 -10.73 33.17
CA VAL B 42 7.10 -9.60 32.30
C VAL B 42 8.18 -8.52 32.37
N ALA B 43 8.79 -8.35 33.53
CA ALA B 43 9.84 -7.34 33.69
C ALA B 43 11.12 -7.71 32.91
N LEU B 44 11.55 -8.96 33.03
CA LEU B 44 12.76 -9.38 32.33
C LEU B 44 12.52 -9.50 30.82
N HIS B 45 11.32 -9.94 30.41
CA HIS B 45 11.03 -10.03 28.98
C HIS B 45 11.10 -8.64 28.35
N ALA B 46 10.44 -7.67 28.97
CA ALA B 46 10.43 -6.31 28.41
C ALA B 46 11.85 -5.75 28.38
N LEU B 47 12.60 -6.01 29.44
CA LEU B 47 13.98 -5.52 29.54
C LEU B 47 14.83 -6.14 28.44
N THR B 48 14.59 -7.42 28.18
CA THR B 48 15.32 -8.13 27.14
C THR B 48 15.03 -7.48 25.79
N ASP B 49 13.76 -7.25 25.50
CA ASP B 49 13.40 -6.60 24.23
C ASP B 49 14.04 -5.23 24.10
N ALA B 50 14.05 -4.46 25.19
CA ALA B 50 14.65 -3.12 25.15
C ALA B 50 16.14 -3.18 24.82
N ILE B 51 16.87 -4.10 25.45
CA ILE B 51 18.29 -4.24 25.19
C ILE B 51 18.55 -4.78 23.78
N LEU B 52 17.81 -5.82 23.38
CA LEU B 52 17.96 -6.35 22.04
C LEU B 52 17.55 -5.26 21.05
N GLY B 53 16.48 -4.55 21.38
CA GLY B 53 15.99 -3.50 20.52
C GLY B 53 16.98 -2.37 20.27
N ALA B 54 17.66 -1.93 21.32
CA ALA B 54 18.64 -0.86 21.21
C ALA B 54 19.80 -1.22 20.28
N ALA B 55 20.14 -2.50 20.23
CA ALA B 55 21.23 -2.97 19.39
C ALA B 55 20.76 -3.42 18.00
N ALA B 56 19.48 -3.24 17.73
CA ALA B 56 18.90 -3.61 16.45
C ALA B 56 19.04 -5.11 16.24
N LEU B 57 18.89 -5.87 17.31
CA LEU B 57 19.00 -7.32 17.21
C LEU B 57 17.63 -7.98 17.18
N GLY B 58 16.60 -7.20 16.87
CA GLY B 58 15.25 -7.78 16.81
C GLY B 58 14.51 -7.77 18.12
N ASP B 59 14.25 -8.96 18.67
CA ASP B 59 13.54 -9.08 19.93
C ASP B 59 13.68 -10.47 20.52
N ILE B 60 13.00 -10.68 21.63
CA ILE B 60 13.03 -11.96 22.35
C ILE B 60 12.73 -13.13 21.41
N GLY B 61 11.87 -12.90 20.42
CA GLY B 61 11.51 -13.96 19.49
C GLY B 61 12.63 -14.42 18.58
N LYS B 62 13.69 -13.63 18.45
CA LYS B 62 14.80 -14.01 17.59
C LYS B 62 15.99 -14.54 18.37
N LEU B 63 15.71 -15.12 19.54
CA LEU B 63 16.78 -15.68 20.36
C LEU B 63 17.00 -17.15 20.06
N PHE B 64 16.19 -18.02 20.67
CA PHE B 64 16.33 -19.45 20.45
C PHE B 64 15.36 -19.98 19.38
N PRO B 65 15.87 -20.22 18.16
CA PRO B 65 15.06 -20.73 17.04
C PRO B 65 14.82 -22.23 17.12
N ASN B 73 14.85 -21.62 28.09
CA ASN B 73 13.79 -21.26 27.16
C ASN B 73 12.64 -20.58 27.90
N ALA B 74 12.27 -21.16 29.04
CA ALA B 74 11.19 -20.62 29.85
C ALA B 74 11.73 -19.64 30.90
N ASP B 75 12.91 -19.94 31.43
CA ASP B 75 13.52 -19.07 32.43
C ASP B 75 13.97 -17.78 31.76
N SER B 76 13.34 -16.68 32.15
CA SER B 76 13.62 -15.38 31.57
C SER B 76 15.03 -14.86 31.84
N ARG B 77 15.64 -15.27 32.95
CA ARG B 77 16.99 -14.81 33.25
C ARG B 77 17.99 -15.34 32.21
N GLY B 78 17.74 -16.55 31.72
CA GLY B 78 18.61 -17.13 30.71
C GLY B 78 18.50 -16.31 29.44
N LEU B 79 17.28 -15.93 29.08
CA LEU B 79 17.04 -15.12 27.88
C LEU B 79 17.72 -13.76 28.03
N LEU B 80 17.59 -13.17 29.22
CA LEU B 80 18.19 -11.88 29.50
C LEU B 80 19.71 -11.92 29.33
N ARG B 81 20.37 -12.95 29.88
CA ARG B 81 21.83 -13.09 29.74
C ARG B 81 22.21 -13.32 28.28
N GLU B 82 21.39 -14.09 27.58
CA GLU B 82 21.66 -14.36 26.17
C GLU B 82 21.64 -13.03 25.42
N ALA B 83 20.62 -12.21 25.70
CA ALA B 83 20.51 -10.91 25.04
C ALA B 83 21.70 -10.01 25.37
N PHE B 84 22.12 -9.97 26.62
CA PHE B 84 23.25 -9.12 26.96
C PHE B 84 24.53 -9.61 26.28
N ARG B 85 24.76 -10.92 26.27
CA ARG B 85 25.95 -11.44 25.61
C ARG B 85 25.99 -11.00 24.13
N GLN B 86 24.85 -11.11 23.44
CA GLN B 86 24.78 -10.70 22.04
C GLN B 86 25.03 -9.22 21.88
N VAL B 87 24.60 -8.42 22.86
CA VAL B 87 24.83 -7.00 22.79
C VAL B 87 26.32 -6.74 23.07
N GLN B 88 26.95 -7.65 23.81
CA GLN B 88 28.38 -7.52 24.09
C GLN B 88 29.15 -7.81 22.81
N GLU B 89 28.78 -8.92 22.16
CA GLU B 89 29.43 -9.30 20.91
C GLU B 89 29.50 -8.11 19.96
N LYS B 90 28.49 -7.25 20.00
CA LYS B 90 28.48 -6.07 19.13
C LYS B 90 29.32 -4.95 19.72
N GLY B 91 29.78 -5.14 20.95
CA GLY B 91 30.62 -4.13 21.59
C GLY B 91 29.95 -3.14 22.52
N TYR B 92 28.79 -3.50 23.05
CA TYR B 92 28.08 -2.61 23.97
C TYR B 92 28.08 -3.13 25.41
N LYS B 93 27.85 -2.21 26.34
CA LYS B 93 27.71 -2.56 27.74
C LYS B 93 26.50 -1.74 28.18
N ILE B 94 26.00 -1.97 29.38
CA ILE B 94 24.84 -1.21 29.83
C ILE B 94 25.17 0.20 30.33
N GLY B 95 24.42 1.18 29.85
CA GLY B 95 24.59 2.55 30.32
C GLY B 95 23.71 2.54 31.56
N ASN B 96 22.41 2.32 31.36
CA ASN B 96 21.44 2.22 32.44
C ASN B 96 20.12 1.72 31.87
N VAL B 97 19.28 1.13 32.72
CA VAL B 97 17.97 0.63 32.30
C VAL B 97 16.93 1.07 33.33
N ASP B 98 15.68 1.24 32.88
CA ASP B 98 14.58 1.66 33.75
C ASP B 98 13.36 0.79 33.42
N ILE B 99 12.84 0.10 34.43
CA ILE B 99 11.72 -0.81 34.28
C ILE B 99 10.47 -0.31 35.00
N THR B 100 9.33 -0.40 34.32
CA THR B 100 8.04 0.03 34.88
C THR B 100 6.99 -1.08 34.83
N ILE B 101 6.79 -1.77 35.95
CA ILE B 101 5.81 -2.85 36.05
C ILE B 101 4.43 -2.21 36.21
N ILE B 102 3.49 -2.65 35.38
CA ILE B 102 2.14 -2.13 35.40
C ILE B 102 1.22 -3.26 35.88
N ALA B 103 0.78 -3.16 37.12
CA ALA B 103 -0.07 -4.20 37.72
C ALA B 103 -1.00 -3.64 38.80
N GLN B 104 -2.13 -4.30 39.00
CA GLN B 104 -3.10 -3.87 39.99
C GLN B 104 -2.78 -4.61 41.28
N ALA B 105 -1.56 -4.42 41.75
CA ALA B 105 -1.10 -5.07 42.96
C ALA B 105 -0.49 -4.06 43.90
N PRO B 106 -0.51 -4.37 45.20
CA PRO B 106 0.05 -3.48 46.21
C PRO B 106 1.57 -3.60 46.30
N LYS B 107 2.02 -4.14 47.43
CA LYS B 107 3.44 -4.30 47.75
C LYS B 107 4.32 -5.21 46.90
N MSE B 108 5.27 -4.56 46.23
CA MSE B 108 6.27 -5.25 45.43
C MSE B 108 7.56 -4.53 45.76
O MSE B 108 8.65 -4.98 45.43
CB MSE B 108 5.96 -5.12 43.93
CG MSE B 108 5.13 -6.25 43.38
SE MSE B 108 5.21 -6.34 41.45
CE MSE B 108 3.56 -7.31 41.12
N ARG B 109 7.39 -3.39 46.44
CA ARG B 109 8.52 -2.56 46.84
C ARG B 109 9.54 -3.34 47.67
N PRO B 110 9.06 -4.26 48.52
CA PRO B 110 9.95 -5.06 49.36
C PRO B 110 10.86 -5.99 48.55
N HIS B 111 10.45 -6.29 47.33
CA HIS B 111 11.18 -7.18 46.44
C HIS B 111 11.91 -6.45 45.32
N ILE B 112 11.66 -5.16 45.17
CA ILE B 112 12.27 -4.36 44.12
C ILE B 112 13.80 -4.42 44.07
N ASP B 113 14.46 -4.17 45.20
CA ASP B 113 15.91 -4.21 45.25
C ASP B 113 16.44 -5.59 44.96
N ALA B 114 15.70 -6.61 45.36
CA ALA B 114 16.12 -7.97 45.09
C ALA B 114 16.13 -8.14 43.57
N MSE B 115 15.12 -7.58 42.90
CA MSE B 115 15.01 -7.65 41.45
C MSE B 115 16.16 -6.90 40.81
O MSE B 115 16.75 -7.35 39.83
CB MSE B 115 13.69 -7.05 40.96
CG MSE B 115 12.42 -7.79 41.35
SE MSE B 115 10.80 -6.77 40.90
CE MSE B 115 11.28 -6.28 39.10
N ARG B 116 16.47 -5.73 41.35
CA ARG B 116 17.56 -4.90 40.81
C ARG B 116 18.91 -5.62 40.90
N ALA B 117 19.15 -6.28 42.03
CA ALA B 117 20.40 -7.01 42.22
C ALA B 117 20.57 -8.10 41.18
N LYS B 118 19.52 -8.89 40.95
CA LYS B 118 19.61 -9.97 39.97
C LYS B 118 19.80 -9.46 38.55
N ILE B 119 19.09 -8.39 38.20
CA ILE B 119 19.23 -7.80 36.87
C ILE B 119 20.64 -7.27 36.71
N ALA B 120 21.16 -6.62 37.75
CA ALA B 120 22.52 -6.08 37.71
C ALA B 120 23.51 -7.24 37.50
N GLU B 121 23.28 -8.32 38.22
CA GLU B 121 24.11 -9.51 38.13
C GLU B 121 24.13 -10.05 36.69
N ASP B 122 22.96 -10.14 36.07
CA ASP B 122 22.87 -10.65 34.70
C ASP B 122 23.41 -9.71 33.63
N LEU B 123 23.30 -8.39 33.86
CA LEU B 123 23.79 -7.44 32.87
C LEU B 123 25.21 -7.00 33.18
N GLN B 124 25.82 -7.66 34.16
CA GLN B 124 27.20 -7.38 34.58
C GLN B 124 27.47 -5.90 34.79
N CYS B 125 26.56 -5.22 35.49
CA CYS B 125 26.73 -3.80 35.75
C CYS B 125 26.44 -3.54 37.22
N ASP B 126 26.47 -2.28 37.63
CA ASP B 126 26.19 -1.93 39.03
C ASP B 126 24.69 -1.81 39.23
N ILE B 127 24.25 -2.18 40.43
CA ILE B 127 22.85 -2.12 40.79
C ILE B 127 22.31 -0.69 40.62
N GLU B 128 23.22 0.29 40.65
CA GLU B 128 22.87 1.70 40.52
C GLU B 128 22.52 2.11 39.10
N GLN B 129 22.76 1.23 38.15
CA GLN B 129 22.44 1.49 36.74
C GLN B 129 21.10 0.85 36.42
N VAL B 130 20.48 0.28 37.44
CA VAL B 130 19.21 -0.40 37.29
C VAL B 130 18.09 0.19 38.13
N ASN B 131 16.99 0.54 37.48
CA ASN B 131 15.85 1.09 38.21
C ASN B 131 14.61 0.28 37.91
N VAL B 132 13.84 0.00 38.95
CA VAL B 132 12.60 -0.75 38.80
C VAL B 132 11.51 -0.03 39.58
N LYS B 133 10.34 0.11 38.98
CA LYS B 133 9.22 0.75 39.64
C LYS B 133 7.98 -0.02 39.23
N ALA B 134 6.92 0.13 40.03
CA ALA B 134 5.66 -0.54 39.77
C ALA B 134 4.55 0.49 39.93
N THR B 135 3.60 0.49 39.01
CA THR B 135 2.51 1.45 39.10
C THR B 135 1.21 0.74 38.74
N THR B 136 0.08 1.36 39.05
CA THR B 136 -1.19 0.74 38.74
C THR B 136 -1.99 1.55 37.73
N THR B 137 -3.03 0.93 37.20
CA THR B 137 -3.90 1.59 36.24
C THR B 137 -5.21 1.98 36.93
N GLU B 138 -5.18 1.99 38.26
CA GLU B 138 -6.33 2.38 39.07
C GLU B 138 -7.62 1.64 38.72
N LYS B 139 -7.54 0.31 38.70
CA LYS B 139 -8.67 -0.56 38.39
C LYS B 139 -9.14 -0.50 36.94
N LEU B 140 -8.38 0.14 36.07
CA LEU B 140 -8.80 0.25 34.68
C LEU B 140 -8.03 -0.67 33.74
N GLY B 141 -8.68 -1.12 32.67
CA GLY B 141 -8.04 -1.98 31.68
C GLY B 141 -7.78 -3.39 32.15
N PHE B 142 -7.18 -4.21 31.30
CA PHE B 142 -6.95 -5.60 31.70
C PHE B 142 -6.05 -5.77 32.94
N THR B 143 -5.13 -4.84 33.18
CA THR B 143 -4.31 -4.98 34.39
C THR B 143 -5.18 -4.58 35.58
N GLY B 144 -6.02 -3.56 35.37
CA GLY B 144 -6.89 -3.07 36.43
C GLY B 144 -7.93 -4.11 36.83
N ARG B 145 -8.41 -4.87 35.86
CA ARG B 145 -9.38 -5.92 36.14
C ARG B 145 -8.61 -7.16 36.62
N GLN B 146 -7.30 -7.04 36.70
CA GLN B 146 -6.46 -8.13 37.15
C GLN B 146 -6.53 -9.39 36.27
N GLU B 147 -6.59 -9.17 34.96
CA GLU B 147 -6.62 -10.29 34.02
C GLU B 147 -5.20 -10.68 33.67
N GLY B 148 -4.26 -9.79 33.99
CA GLY B 148 -2.85 -10.04 33.72
C GLY B 148 -2.01 -8.86 34.16
N ILE B 149 -0.71 -8.91 33.88
CA ILE B 149 0.20 -7.82 34.22
C ILE B 149 0.98 -7.42 32.98
N ALA B 150 1.53 -6.22 33.00
CA ALA B 150 2.32 -5.74 31.88
C ALA B 150 3.60 -5.07 32.37
N CYS B 151 4.45 -4.69 31.44
CA CYS B 151 5.68 -4.02 31.79
C CYS B 151 6.29 -3.30 30.60
N GLU B 152 6.81 -2.12 30.88
CA GLU B 152 7.44 -1.32 29.87
C GLU B 152 8.87 -1.12 30.33
N ALA B 153 9.81 -1.09 29.39
CA ALA B 153 11.20 -0.88 29.77
C ALA B 153 11.96 -0.09 28.72
N VAL B 154 12.93 0.69 29.17
CA VAL B 154 13.78 1.46 28.27
C VAL B 154 15.21 1.14 28.66
N ALA B 155 16.08 1.08 27.66
CA ALA B 155 17.47 0.79 27.93
C ALA B 155 18.38 1.66 27.11
N LEU B 156 19.47 2.09 27.73
CA LEU B 156 20.46 2.90 27.06
C LEU B 156 21.75 2.09 27.06
N LEU B 157 22.30 1.85 25.87
CA LEU B 157 23.53 1.10 25.77
C LEU B 157 24.66 2.07 25.43
N ILE B 158 25.85 1.80 25.95
CA ILE B 158 27.01 2.65 25.67
C ILE B 158 28.10 1.82 25.01
N ARG B 159 28.82 2.42 24.08
CA ARG B 159 29.88 1.72 23.38
C ARG B 159 31.03 1.42 24.31
N GLN B 160 31.44 0.16 24.30
CA GLN B 160 32.53 -0.33 25.13
C GLN B 160 33.88 0.05 24.51
N SER C 2 21.97 21.26 22.93
CA SER C 2 21.80 19.80 23.18
C SER C 2 22.49 18.97 22.08
N LEU C 3 23.20 17.93 22.50
CA LEU C 3 23.94 17.07 21.57
C LEU C 3 23.22 15.74 21.34
N ILE C 4 22.33 15.38 22.25
CA ILE C 4 21.60 14.13 22.13
C ILE C 4 20.16 14.37 22.59
N ARG C 5 19.20 13.84 21.84
CA ARG C 5 17.79 14.01 22.17
C ARG C 5 17.03 12.69 22.17
N ILE C 6 16.13 12.55 23.13
CA ILE C 6 15.32 11.34 23.27
C ILE C 6 13.84 11.67 22.94
N GLY C 7 13.15 10.73 22.31
CA GLY C 7 11.76 10.95 21.96
C GLY C 7 10.88 9.71 22.04
N HIS C 8 9.60 9.93 22.30
CA HIS C 8 8.64 8.83 22.42
C HIS C 8 7.39 9.02 21.58
N GLY C 9 6.88 7.92 21.05
CA GLY C 9 5.67 7.97 20.24
C GLY C 9 4.76 6.79 20.52
N PHE C 10 3.45 7.03 20.44
CA PHE C 10 2.44 6.00 20.66
C PHE C 10 1.31 6.21 19.65
N ASP C 11 0.83 5.13 19.04
CA ASP C 11 -0.25 5.25 18.06
C ASP C 11 -1.13 4.02 18.07
N VAL C 12 -2.40 4.23 17.74
CA VAL C 12 -3.38 3.17 17.69
C VAL C 12 -4.20 3.31 16.41
N HIS C 13 -4.63 2.18 15.85
CA HIS C 13 -5.47 2.20 14.67
C HIS C 13 -6.64 1.25 14.94
N ALA C 14 -7.85 1.81 14.99
CA ALA C 14 -9.04 1.02 15.23
C ALA C 14 -9.57 0.54 13.88
N PHE C 15 -9.98 -0.72 13.83
CA PHE C 15 -10.48 -1.30 12.59
C PHE C 15 -11.83 -0.76 12.17
N GLY C 16 -11.99 -0.59 10.86
CA GLY C 16 -13.22 -0.10 10.28
C GLY C 16 -13.40 -0.68 8.89
N GLU C 17 -14.56 -1.27 8.63
CA GLU C 17 -14.83 -1.85 7.34
C GLU C 17 -15.87 -1.06 6.57
N ASP C 18 -15.84 -1.20 5.25
CA ASP C 18 -16.78 -0.52 4.39
C ASP C 18 -17.78 -1.50 3.83
N ARG C 19 -18.95 -0.98 3.50
CA ARG C 19 -20.04 -1.79 2.97
C ARG C 19 -20.88 -0.95 2.02
N PRO C 20 -20.91 -1.34 0.73
CA PRO C 20 -21.70 -0.59 -0.25
C PRO C 20 -23.19 -0.83 -0.05
N LEU C 21 -23.99 0.22 -0.24
CA LEU C 21 -25.43 0.11 -0.08
C LEU C 21 -26.16 0.86 -1.19
N ILE C 22 -27.48 0.62 -1.28
CA ILE C 22 -28.31 1.29 -2.27
C ILE C 22 -29.34 2.11 -1.50
N ILE C 23 -29.25 3.43 -1.63
CA ILE C 23 -30.16 4.35 -0.97
C ILE C 23 -30.71 5.30 -2.02
N GLY C 24 -32.03 5.43 -2.08
CA GLY C 24 -32.64 6.30 -3.07
C GLY C 24 -32.24 5.90 -4.49
N GLY C 25 -32.16 4.60 -4.72
CA GLY C 25 -31.78 4.11 -6.04
C GLY C 25 -30.34 4.45 -6.36
N VAL C 26 -29.60 4.90 -5.35
CA VAL C 26 -28.21 5.27 -5.54
C VAL C 26 -27.25 4.43 -4.70
N GLU C 27 -26.09 4.11 -5.27
CA GLU C 27 -25.09 3.32 -4.57
C GLU C 27 -24.20 4.27 -3.78
N VAL C 28 -24.03 3.97 -2.50
CA VAL C 28 -23.20 4.79 -1.62
C VAL C 28 -22.40 3.89 -0.69
N PRO C 29 -21.13 4.25 -0.44
CA PRO C 29 -20.34 3.42 0.46
C PRO C 29 -20.71 3.73 1.90
N TYR C 30 -20.84 2.69 2.73
CA TYR C 30 -21.17 2.89 4.13
C TYR C 30 -20.00 2.44 4.99
N HIS C 31 -19.57 3.30 5.90
CA HIS C 31 -18.44 2.96 6.75
C HIS C 31 -18.86 2.55 8.15
N THR C 32 -18.26 1.48 8.65
CA THR C 32 -18.54 1.01 9.99
C THR C 32 -17.27 1.18 10.81
N GLY C 33 -17.44 1.63 12.05
CA GLY C 33 -16.29 1.81 12.92
C GLY C 33 -15.64 3.17 12.85
N PHE C 34 -14.46 3.27 13.44
CA PHE C 34 -13.71 4.51 13.46
C PHE C 34 -13.43 4.99 12.04
N ILE C 35 -13.69 6.28 11.79
CA ILE C 35 -13.45 6.85 10.47
C ILE C 35 -11.97 7.14 10.28
N ALA C 36 -11.33 6.37 9.41
CA ALA C 36 -9.90 6.54 9.16
C ALA C 36 -9.56 7.84 8.43
N HIS C 37 -8.48 8.47 8.85
CA HIS C 37 -8.02 9.71 8.23
C HIS C 37 -6.59 9.59 7.73
N SER C 38 -6.07 8.37 7.76
CA SER C 38 -4.70 8.08 7.32
C SER C 38 -4.72 6.64 6.85
N ASP C 39 -3.56 6.11 6.49
CA ASP C 39 -3.50 4.72 6.04
C ASP C 39 -3.48 3.80 7.27
N GLY C 40 -3.55 4.40 8.46
CA GLY C 40 -3.56 3.62 9.68
C GLY C 40 -2.23 2.97 10.05
N ASP C 41 -1.12 3.43 9.45
CA ASP C 41 0.19 2.85 9.74
C ASP C 41 0.67 3.31 11.14
N VAL C 42 0.39 2.50 12.15
CA VAL C 42 0.76 2.83 13.52
C VAL C 42 2.26 2.88 13.75
N ALA C 43 3.00 2.04 13.04
CA ALA C 43 4.45 2.01 13.19
C ALA C 43 5.07 3.32 12.76
N LEU C 44 4.73 3.80 11.56
CA LEU C 44 5.30 5.05 11.08
C LEU C 44 4.76 6.26 11.85
N HIS C 45 3.51 6.19 12.30
CA HIS C 45 2.96 7.32 13.05
C HIS C 45 3.66 7.44 14.41
N ALA C 46 3.82 6.32 15.11
CA ALA C 46 4.48 6.34 16.41
C ALA C 46 5.90 6.86 16.23
N LEU C 47 6.58 6.34 15.21
CA LEU C 47 7.94 6.73 14.88
C LEU C 47 8.01 8.22 14.60
N THR C 48 7.05 8.71 13.82
CA THR C 48 7.00 10.11 13.48
C THR C 48 6.86 10.98 14.74
N ASP C 49 5.99 10.57 15.65
CA ASP C 49 5.80 11.31 16.89
C ASP C 49 7.07 11.33 17.75
N ALA C 50 7.81 10.22 17.77
CA ALA C 50 9.02 10.15 18.58
C ALA C 50 10.13 11.02 18.01
N ILE C 51 10.29 11.04 16.70
CA ILE C 51 11.31 11.85 16.08
C ILE C 51 11.03 13.35 16.30
N LEU C 52 9.77 13.75 16.11
CA LEU C 52 9.39 15.15 16.32
C LEU C 52 9.40 15.49 17.81
N GLY C 53 9.00 14.53 18.63
CA GLY C 53 8.97 14.75 20.07
C GLY C 53 10.36 14.99 20.66
N ALA C 54 11.37 14.34 20.09
CA ALA C 54 12.74 14.50 20.56
C ALA C 54 13.27 15.90 20.28
N ALA C 55 12.86 16.48 19.15
CA ALA C 55 13.31 17.81 18.75
C ALA C 55 12.40 18.90 19.28
N ALA C 56 11.43 18.51 20.09
CA ALA C 56 10.46 19.45 20.65
C ALA C 56 9.67 20.14 19.55
N LEU C 57 9.33 19.36 18.53
CA LEU C 57 8.56 19.87 17.40
C LEU C 57 7.07 19.53 17.52
N GLY C 58 6.65 19.12 18.71
CA GLY C 58 5.24 18.80 18.91
C GLY C 58 4.83 17.37 18.60
N ASP C 59 4.09 17.19 17.50
CA ASP C 59 3.62 15.86 17.09
C ASP C 59 3.28 15.84 15.61
N ILE C 60 2.91 14.65 15.12
CA ILE C 60 2.59 14.49 13.71
C ILE C 60 1.47 15.38 13.19
N GLY C 61 0.60 15.83 14.09
CA GLY C 61 -0.51 16.68 13.68
C GLY C 61 -0.16 18.15 13.58
N LYS C 62 1.04 18.44 13.07
CA LYS C 62 1.49 19.81 12.91
C LYS C 62 2.31 19.87 11.65
N LEU C 63 2.36 18.76 10.94
CA LEU C 63 3.15 18.68 9.71
C LEU C 63 2.53 19.39 8.52
N PHE C 64 1.40 18.91 8.04
CA PHE C 64 0.77 19.52 6.88
C PHE C 64 -0.57 20.21 7.13
N PRO C 65 -0.54 21.51 7.44
CA PRO C 65 -1.74 22.31 7.72
C PRO C 65 -2.41 22.83 6.44
N LYS C 72 -1.98 14.10 1.31
CA LYS C 72 -0.65 13.91 1.88
C LYS C 72 -0.70 13.05 3.14
N ASN C 73 -1.71 13.27 3.98
CA ASN C 73 -1.87 12.49 5.20
C ASN C 73 -2.23 11.05 4.87
N ALA C 74 -2.60 10.80 3.62
CA ALA C 74 -2.97 9.44 3.20
C ALA C 74 -1.76 8.53 3.10
N ASP C 75 -0.57 9.11 3.17
CA ASP C 75 0.68 8.34 3.09
C ASP C 75 1.60 8.69 4.25
N SER C 76 1.80 7.72 5.13
CA SER C 76 2.63 7.92 6.31
C SER C 76 4.12 8.15 6.05
N ARG C 77 4.63 7.65 4.94
CA ARG C 77 6.04 7.85 4.62
C ARG C 77 6.26 9.29 4.25
N GLY C 78 5.25 9.88 3.60
CA GLY C 78 5.35 11.28 3.23
C GLY C 78 5.53 12.03 4.53
N LEU C 79 4.63 11.78 5.47
CA LEU C 79 4.67 12.43 6.77
C LEU C 79 5.96 12.13 7.53
N LEU C 80 6.48 10.91 7.42
CA LEU C 80 7.72 10.56 8.09
C LEU C 80 8.92 11.29 7.48
N ARG C 81 8.99 11.36 6.15
CA ARG C 81 10.10 12.05 5.50
C ARG C 81 10.04 13.54 5.83
N GLU C 82 8.83 14.06 5.96
CA GLU C 82 8.64 15.47 6.29
C GLU C 82 9.18 15.69 7.69
N ALA C 83 8.81 14.80 8.61
CA ALA C 83 9.25 14.87 9.99
C ALA C 83 10.77 14.88 10.07
N PHE C 84 11.41 13.99 9.32
CA PHE C 84 12.87 13.92 9.33
C PHE C 84 13.46 15.21 8.76
N ARG C 85 12.79 15.76 7.76
CA ARG C 85 13.23 17.00 7.13
C ARG C 85 13.34 18.11 8.17
N GLN C 86 12.27 18.28 8.95
CA GLN C 86 12.22 19.30 9.98
C GLN C 86 13.20 19.08 11.14
N VAL C 87 13.45 17.83 11.51
CA VAL C 87 14.39 17.56 12.59
C VAL C 87 15.78 17.87 12.03
N GLN C 88 15.94 17.52 10.75
CA GLN C 88 17.17 17.74 10.02
C GLN C 88 17.47 19.24 9.95
N GLU C 89 16.41 20.05 9.88
CA GLU C 89 16.58 21.50 9.82
C GLU C 89 17.13 22.05 11.12
N LYS C 90 16.88 21.37 12.22
CA LYS C 90 17.39 21.81 13.51
C LYS C 90 18.77 21.21 13.74
N GLY C 91 19.30 20.58 12.70
CA GLY C 91 20.62 19.98 12.77
C GLY C 91 20.70 18.65 13.50
N TYR C 92 19.71 17.79 13.25
CA TYR C 92 19.69 16.46 13.86
C TYR C 92 19.72 15.38 12.82
N LYS C 93 20.25 14.23 13.22
CA LYS C 93 20.31 13.07 12.35
C LYS C 93 19.89 11.94 13.28
N ILE C 94 19.54 10.79 12.72
CA ILE C 94 19.13 9.67 13.54
C ILE C 94 20.29 8.98 14.25
N GLY C 95 20.12 8.74 15.54
CA GLY C 95 21.12 8.01 16.29
C GLY C 95 20.64 6.60 16.05
N ASN C 96 19.47 6.28 16.59
CA ASN C 96 18.85 4.98 16.36
C ASN C 96 17.39 5.03 16.79
N VAL C 97 16.56 4.16 16.22
CA VAL C 97 15.16 4.11 16.58
C VAL C 97 14.76 2.68 16.88
N ASP C 98 13.83 2.51 17.82
CA ASP C 98 13.35 1.19 18.20
C ASP C 98 11.82 1.26 18.23
N ILE C 99 11.18 0.36 17.47
CA ILE C 99 9.73 0.32 17.35
C ILE C 99 9.13 -0.99 17.87
N THR C 100 8.08 -0.87 18.67
CA THR C 100 7.41 -2.04 19.21
C THR C 100 5.94 -2.04 18.80
N ILE C 101 5.60 -2.91 17.83
CA ILE C 101 4.25 -3.04 17.33
C ILE C 101 3.50 -3.99 18.25
N ILE C 102 2.32 -3.57 18.71
CA ILE C 102 1.53 -4.39 19.60
C ILE C 102 0.26 -4.83 18.86
N ALA C 103 0.24 -6.11 18.46
CA ALA C 103 -0.87 -6.64 17.72
C ALA C 103 -1.10 -8.13 17.96
N GLN C 104 -2.37 -8.53 17.95
CA GLN C 104 -2.71 -9.93 18.16
C GLN C 104 -2.63 -10.59 16.80
N ALA C 105 -1.40 -10.63 16.28
CA ALA C 105 -1.12 -11.23 14.99
C ALA C 105 0.19 -12.02 15.10
N PRO C 106 0.38 -13.00 14.20
CA PRO C 106 1.61 -13.80 14.23
C PRO C 106 2.59 -13.41 13.12
N LYS C 107 2.35 -13.98 11.94
CA LYS C 107 3.18 -13.78 10.76
C LYS C 107 3.42 -12.34 10.33
N MSE C 108 4.41 -11.70 10.94
CA MSE C 108 4.75 -10.33 10.61
C MSE C 108 6.27 -10.21 10.51
O MSE C 108 6.79 -9.23 9.97
CB MSE C 108 4.20 -9.37 11.67
CG MSE C 108 3.93 -7.98 11.14
SE MSE C 108 3.12 -6.83 12.45
CE MSE C 108 1.31 -7.51 12.39
N ARG C 109 6.97 -11.21 11.04
CA ARG C 109 8.43 -11.22 11.00
C ARG C 109 8.97 -11.18 9.58
N PRO C 110 8.39 -11.97 8.66
CA PRO C 110 8.86 -11.98 7.27
C PRO C 110 8.81 -10.61 6.62
N HIS C 111 8.04 -9.69 7.19
CA HIS C 111 7.90 -8.34 6.66
C HIS C 111 8.64 -7.28 7.46
N ILE C 112 9.18 -7.67 8.61
CA ILE C 112 9.88 -6.70 9.47
C ILE C 112 11.11 -6.06 8.82
N ASP C 113 11.94 -6.86 8.16
CA ASP C 113 13.13 -6.34 7.50
C ASP C 113 12.75 -5.37 6.37
N ALA C 114 11.70 -5.69 5.64
CA ALA C 114 11.22 -4.80 4.56
C ALA C 114 10.84 -3.45 5.18
N MSE C 115 10.22 -3.49 6.36
CA MSE C 115 9.82 -2.27 7.05
C MSE C 115 11.06 -1.46 7.43
O MSE C 115 11.10 -0.24 7.27
CB MSE C 115 9.03 -2.58 8.34
CG MSE C 115 7.65 -3.19 8.14
SE MSE C 115 6.74 -3.64 9.84
CE MSE C 115 5.39 -4.83 9.14
N ARG C 116 12.06 -2.15 7.96
CA ARG C 116 13.28 -1.50 8.41
C ARG C 116 13.96 -0.78 7.26
N ALA C 117 13.97 -1.42 6.10
CA ALA C 117 14.58 -0.83 4.92
C ALA C 117 13.86 0.46 4.53
N LYS C 118 12.53 0.44 4.53
CA LYS C 118 11.76 1.63 4.16
C LYS C 118 11.98 2.76 5.15
N ILE C 119 12.07 2.40 6.43
CA ILE C 119 12.30 3.40 7.48
C ILE C 119 13.73 3.92 7.33
N ALA C 120 14.68 3.02 7.09
CA ALA C 120 16.07 3.42 6.92
C ALA C 120 16.20 4.36 5.71
N GLU C 121 15.29 4.21 4.75
CA GLU C 121 15.33 5.05 3.57
C GLU C 121 14.81 6.46 3.87
N ASP C 122 13.67 6.55 4.55
CA ASP C 122 13.11 7.85 4.86
C ASP C 122 13.88 8.63 5.91
N LEU C 123 14.66 7.93 6.72
CA LEU C 123 15.45 8.59 7.76
C LEU C 123 16.89 8.80 7.30
N GLN C 124 17.15 8.46 6.04
CA GLN C 124 18.49 8.62 5.46
C GLN C 124 19.56 8.13 6.43
N CYS C 125 19.42 6.88 6.85
CA CYS C 125 20.37 6.28 7.77
C CYS C 125 20.53 4.84 7.36
N ASP C 126 21.31 4.09 8.13
CA ASP C 126 21.54 2.69 7.83
C ASP C 126 20.46 1.87 8.53
N ILE C 127 20.12 0.72 7.95
CA ILE C 127 19.12 -0.16 8.52
C ILE C 127 19.55 -0.64 9.91
N GLU C 128 20.86 -0.61 10.13
CA GLU C 128 21.46 -1.05 11.39
C GLU C 128 21.06 -0.13 12.54
N GLN C 129 20.59 1.06 12.21
CA GLN C 129 20.15 2.05 13.20
C GLN C 129 18.64 1.98 13.39
N VAL C 130 17.99 1.01 12.76
CA VAL C 130 16.55 0.88 12.86
C VAL C 130 16.10 -0.48 13.36
N ASN C 131 15.37 -0.50 14.46
CA ASN C 131 14.88 -1.76 14.96
C ASN C 131 13.35 -1.78 15.03
N VAL C 132 12.79 -2.90 14.62
CA VAL C 132 11.34 -3.10 14.65
C VAL C 132 11.08 -4.46 15.27
N LYS C 133 10.22 -4.49 16.28
CA LYS C 133 9.88 -5.75 16.92
C LYS C 133 8.35 -5.79 17.05
N ALA C 134 7.80 -6.97 17.28
CA ALA C 134 6.35 -7.12 17.43
C ALA C 134 6.04 -8.03 18.59
N THR C 135 5.02 -7.69 19.36
CA THR C 135 4.63 -8.52 20.49
C THR C 135 3.11 -8.48 20.65
N THR C 136 2.56 -9.41 21.43
CA THR C 136 1.12 -9.44 21.65
C THR C 136 0.82 -9.16 23.11
N THR C 137 -0.45 -8.97 23.41
CA THR C 137 -0.88 -8.73 24.78
C THR C 137 -1.56 -10.00 25.30
N GLU C 138 -1.24 -11.12 24.66
CA GLU C 138 -1.77 -12.44 25.01
C GLU C 138 -3.29 -12.48 25.12
N LYS C 139 -3.96 -12.00 24.07
CA LYS C 139 -5.42 -11.98 23.97
C LYS C 139 -6.11 -11.00 24.92
N LEU C 140 -5.34 -10.15 25.58
CA LEU C 140 -5.92 -9.22 26.54
C LEU C 140 -6.02 -7.81 25.96
N GLY C 141 -6.95 -7.02 26.47
CA GLY C 141 -7.10 -5.65 26.01
C GLY C 141 -7.70 -5.50 24.62
N PHE C 142 -7.76 -4.26 24.13
CA PHE C 142 -8.36 -4.05 22.83
C PHE C 142 -7.56 -4.67 21.68
N THR C 143 -6.23 -4.75 21.81
CA THR C 143 -5.46 -5.40 20.74
C THR C 143 -5.66 -6.91 20.86
N GLY C 144 -5.71 -7.41 22.08
CA GLY C 144 -5.92 -8.83 22.31
C GLY C 144 -7.29 -9.29 21.83
N ARG C 145 -8.27 -8.40 21.89
CA ARG C 145 -9.63 -8.74 21.42
C ARG C 145 -9.71 -8.48 19.92
N GLN C 146 -8.62 -7.98 19.35
CA GLN C 146 -8.55 -7.70 17.91
C GLN C 146 -9.50 -6.59 17.43
N GLU C 147 -9.56 -5.50 18.19
CA GLU C 147 -10.40 -4.36 17.85
C GLU C 147 -9.53 -3.34 17.13
N GLY C 148 -8.21 -3.54 17.20
CA GLY C 148 -7.27 -2.65 16.56
C GLY C 148 -5.85 -3.09 16.86
N ILE C 149 -4.89 -2.23 16.53
CA ILE C 149 -3.49 -2.50 16.79
C ILE C 149 -2.84 -1.23 17.32
N ALA C 150 -1.71 -1.40 17.99
CA ALA C 150 -1.02 -0.25 18.55
C ALA C 150 0.47 -0.34 18.28
N CYS C 151 1.17 0.73 18.61
CA CYS C 151 2.60 0.77 18.42
C CYS C 151 3.27 1.78 19.35
N GLU C 152 4.41 1.36 19.86
CA GLU C 152 5.21 2.16 20.78
C GLU C 152 6.50 2.48 20.03
N ALA C 153 7.04 3.68 20.22
CA ALA C 153 8.29 4.02 19.54
C ALA C 153 9.15 4.99 20.35
N VAL C 154 10.46 4.81 20.29
CA VAL C 154 11.41 5.70 20.95
C VAL C 154 12.46 6.04 19.90
N ALA C 155 13.00 7.24 20.00
CA ALA C 155 14.00 7.68 19.05
C ALA C 155 15.12 8.43 19.75
N LEU C 156 16.32 8.25 19.24
CA LEU C 156 17.49 8.91 19.78
C LEU C 156 18.03 9.78 18.67
N LEU C 157 18.01 11.09 18.86
CA LEU C 157 18.51 11.99 17.85
C LEU C 157 19.89 12.52 18.26
N ILE C 158 20.77 12.63 17.27
CA ILE C 158 22.12 13.12 17.50
C ILE C 158 22.43 14.33 16.63
N ARG C 159 23.21 15.26 17.17
CA ARG C 159 23.59 16.47 16.46
C ARG C 159 24.38 16.09 15.22
N GLN C 160 23.93 16.58 14.07
CA GLN C 160 24.62 16.29 12.81
C GLN C 160 25.61 17.41 12.53
N SER D 2 -5.02 20.98 -30.57
CA SER D 2 -5.32 20.41 -29.22
C SER D 2 -4.13 20.62 -28.29
N LEU D 3 -4.38 20.47 -26.99
CA LEU D 3 -3.32 20.62 -26.01
C LEU D 3 -2.80 19.24 -25.61
N ILE D 4 -3.68 18.25 -25.63
CA ILE D 4 -3.31 16.89 -25.26
C ILE D 4 -3.99 15.87 -26.19
N ARG D 5 -3.21 14.93 -26.71
CA ARG D 5 -3.72 13.90 -27.63
C ARG D 5 -3.37 12.48 -27.21
N ILE D 6 -4.34 11.58 -27.34
CA ILE D 6 -4.16 10.17 -27.00
C ILE D 6 -4.05 9.31 -28.27
N GLY D 7 -3.15 8.32 -28.24
CA GLY D 7 -2.95 7.45 -29.39
C GLY D 7 -2.75 5.97 -29.03
N HIS D 8 -3.14 5.09 -29.96
CA HIS D 8 -3.04 3.64 -29.78
C HIS D 8 -2.46 2.92 -30.99
N GLY D 9 -1.62 1.93 -30.74
CA GLY D 9 -1.01 1.18 -31.82
C GLY D 9 -1.02 -0.32 -31.55
N PHE D 10 -1.26 -1.11 -32.59
CA PHE D 10 -1.27 -2.56 -32.46
C PHE D 10 -0.62 -3.18 -33.67
N ASP D 11 0.33 -4.07 -33.44
CA ASP D 11 1.03 -4.71 -34.54
C ASP D 11 1.35 -6.17 -34.26
N VAL D 12 1.72 -6.88 -35.32
CA VAL D 12 2.02 -8.29 -35.22
C VAL D 12 3.09 -8.69 -36.22
N HIS D 13 3.97 -9.59 -35.81
CA HIS D 13 5.00 -10.11 -36.68
C HIS D 13 4.90 -11.62 -36.66
N ALA D 14 4.54 -12.20 -37.80
CA ALA D 14 4.43 -13.65 -37.90
C ALA D 14 5.82 -14.15 -38.21
N PHE D 15 6.20 -15.28 -37.61
CA PHE D 15 7.54 -15.78 -37.87
C PHE D 15 7.68 -16.35 -39.27
N GLY D 16 8.86 -16.16 -39.83
CA GLY D 16 9.15 -16.65 -41.16
C GLY D 16 10.62 -16.99 -41.19
N GLU D 17 11.00 -17.92 -42.05
CA GLU D 17 12.40 -18.32 -42.16
C GLU D 17 12.87 -18.40 -43.60
N ASP D 18 14.19 -18.43 -43.75
CA ASP D 18 14.80 -18.51 -45.06
C ASP D 18 15.70 -19.74 -45.17
N ARG D 19 15.76 -20.27 -46.38
CA ARG D 19 16.54 -21.46 -46.66
C ARG D 19 17.02 -21.38 -48.11
N PRO D 20 18.28 -21.75 -48.37
CA PRO D 20 18.78 -21.70 -49.74
C PRO D 20 18.47 -23.02 -50.46
N LEU D 21 18.07 -22.93 -51.72
CA LEU D 21 17.79 -24.14 -52.48
C LEU D 21 18.58 -24.09 -53.78
N ILE D 22 18.74 -25.24 -54.41
CA ILE D 22 19.42 -25.31 -55.69
C ILE D 22 18.36 -25.71 -56.73
N ILE D 23 17.99 -24.76 -57.58
CA ILE D 23 17.00 -24.98 -58.62
C ILE D 23 17.60 -24.64 -59.98
N GLY D 24 17.40 -25.51 -60.95
CA GLY D 24 17.96 -25.27 -62.27
C GLY D 24 19.47 -25.06 -62.24
N GLY D 25 20.13 -25.63 -61.23
CA GLY D 25 21.56 -25.49 -61.10
C GLY D 25 21.98 -24.14 -60.52
N VAL D 26 20.99 -23.41 -60.01
CA VAL D 26 21.23 -22.10 -59.44
C VAL D 26 20.78 -22.05 -57.99
N GLU D 27 21.54 -21.34 -57.15
CA GLU D 27 21.16 -21.24 -55.76
C GLU D 27 20.18 -20.09 -55.67
N VAL D 28 19.07 -20.30 -54.97
CA VAL D 28 18.05 -19.27 -54.82
C VAL D 28 17.54 -19.32 -53.40
N PRO D 29 17.12 -18.17 -52.87
CA PRO D 29 16.62 -18.13 -51.50
C PRO D 29 15.14 -18.53 -51.48
N TYR D 30 14.76 -19.37 -50.53
CA TYR D 30 13.36 -19.77 -50.43
C TYR D 30 12.84 -19.40 -49.05
N HIS D 31 11.75 -18.66 -49.04
CA HIS D 31 11.17 -18.19 -47.80
C HIS D 31 9.95 -18.97 -47.33
N THR D 32 9.93 -19.28 -46.04
CA THR D 32 8.83 -20.01 -45.43
C THR D 32 8.14 -19.06 -44.46
N GLY D 33 6.81 -19.07 -44.44
CA GLY D 33 6.07 -18.17 -43.57
C GLY D 33 5.67 -16.88 -44.24
N PHE D 34 5.09 -15.97 -43.46
CA PHE D 34 4.64 -14.69 -43.98
C PHE D 34 5.77 -13.87 -44.59
N ILE D 35 5.51 -13.28 -45.76
CA ILE D 35 6.53 -12.50 -46.46
C ILE D 35 7.10 -11.35 -45.63
N ALA D 36 8.41 -11.35 -45.47
CA ALA D 36 9.09 -10.30 -44.73
C ALA D 36 8.86 -8.98 -45.46
N HIS D 37 8.66 -7.90 -44.70
CA HIS D 37 8.43 -6.59 -45.29
C HIS D 37 8.97 -5.51 -44.35
N SER D 38 9.71 -5.94 -43.33
CA SER D 38 10.26 -5.02 -42.36
C SER D 38 11.29 -5.79 -41.55
N ASP D 39 11.82 -5.16 -40.51
CA ASP D 39 12.79 -5.83 -39.67
C ASP D 39 12.02 -6.62 -38.61
N GLY D 40 10.71 -6.58 -38.71
CA GLY D 40 9.87 -7.32 -37.78
C GLY D 40 9.76 -6.76 -36.37
N ASP D 41 10.22 -5.52 -36.15
CA ASP D 41 10.16 -4.90 -34.84
C ASP D 41 8.73 -4.44 -34.52
N VAL D 42 7.99 -5.31 -33.84
CA VAL D 42 6.61 -5.03 -33.50
C VAL D 42 6.43 -3.99 -32.40
N ALA D 43 7.46 -3.79 -31.57
CA ALA D 43 7.36 -2.79 -30.49
C ALA D 43 7.38 -1.38 -31.07
N LEU D 44 8.41 -1.08 -31.86
CA LEU D 44 8.52 0.23 -32.47
C LEU D 44 7.38 0.46 -33.46
N HIS D 45 6.94 -0.60 -34.12
CA HIS D 45 5.85 -0.46 -35.09
C HIS D 45 4.57 0.00 -34.40
N ALA D 46 4.22 -0.64 -33.29
CA ALA D 46 3.02 -0.25 -32.58
C ALA D 46 3.18 1.17 -32.02
N LEU D 47 4.38 1.48 -31.52
CA LEU D 47 4.64 2.80 -30.98
C LEU D 47 4.48 3.85 -32.07
N THR D 48 5.03 3.55 -33.24
CA THR D 48 4.94 4.45 -34.38
C THR D 48 3.48 4.70 -34.71
N ASP D 49 2.67 3.64 -34.70
CA ASP D 49 1.24 3.79 -34.99
C ASP D 49 0.51 4.59 -33.93
N ALA D 50 0.95 4.48 -32.67
CA ALA D 50 0.32 5.21 -31.57
C ALA D 50 0.62 6.70 -31.69
N ILE D 51 1.87 7.02 -32.02
CA ILE D 51 2.28 8.40 -32.16
C ILE D 51 1.55 9.04 -33.35
N LEU D 52 1.61 8.39 -34.50
CA LEU D 52 0.93 8.90 -35.68
C LEU D 52 -0.56 8.99 -35.44
N GLY D 53 -1.12 7.96 -34.83
CA GLY D 53 -2.56 7.94 -34.56
C GLY D 53 -3.05 9.03 -33.64
N ALA D 54 -2.25 9.37 -32.64
CA ALA D 54 -2.63 10.42 -31.69
C ALA D 54 -2.70 11.76 -32.42
N ALA D 55 -1.74 11.98 -33.31
CA ALA D 55 -1.65 13.21 -34.08
C ALA D 55 -2.57 13.15 -35.30
N ALA D 56 -3.30 12.04 -35.43
CA ALA D 56 -4.21 11.84 -36.54
C ALA D 56 -3.50 11.85 -37.89
N LEU D 57 -2.29 11.30 -37.92
CA LEU D 57 -1.50 11.23 -39.15
C LEU D 57 -1.69 9.85 -39.80
N GLY D 58 -2.80 9.20 -39.50
CA GLY D 58 -3.07 7.88 -40.07
C GLY D 58 -2.37 6.72 -39.39
N ASP D 59 -1.32 6.21 -40.02
CA ASP D 59 -0.55 5.09 -39.48
C ASP D 59 0.79 4.99 -40.21
N ILE D 60 1.63 4.06 -39.76
CA ILE D 60 2.95 3.85 -40.34
C ILE D 60 2.94 3.65 -41.86
N GLY D 61 1.81 3.20 -42.39
CA GLY D 61 1.70 2.96 -43.82
C GLY D 61 1.88 4.19 -44.69
N LYS D 62 1.50 5.35 -44.18
CA LYS D 62 1.61 6.60 -44.93
C LYS D 62 2.92 7.35 -44.70
N LEU D 63 3.95 6.65 -44.20
CA LEU D 63 5.22 7.32 -43.94
C LEU D 63 6.06 7.58 -45.19
N PHE D 64 5.78 6.86 -46.28
CA PHE D 64 6.53 7.06 -47.52
C PHE D 64 5.70 6.78 -48.77
N PRO D 65 5.91 7.59 -49.83
CA PRO D 65 5.21 7.45 -51.11
C PRO D 65 5.58 6.18 -51.87
N ASN D 73 13.41 2.25 -45.19
CA ASN D 73 12.01 1.84 -45.14
C ASN D 73 11.91 0.48 -44.44
N ALA D 74 13.06 -0.06 -44.04
CA ALA D 74 13.12 -1.34 -43.36
C ALA D 74 13.36 -1.15 -41.87
N ASP D 75 14.40 -0.38 -41.53
CA ASP D 75 14.71 -0.12 -40.12
C ASP D 75 13.59 0.68 -39.49
N SER D 76 12.96 0.11 -38.47
CA SER D 76 11.85 0.74 -37.79
C SER D 76 12.20 2.07 -37.12
N ARG D 77 13.38 2.16 -36.51
CA ARG D 77 13.77 3.39 -35.84
C ARG D 77 13.66 4.57 -36.81
N GLY D 78 14.02 4.33 -38.07
CA GLY D 78 13.92 5.36 -39.07
C GLY D 78 12.48 5.80 -39.21
N LEU D 79 11.57 4.83 -39.31
CA LEU D 79 10.15 5.14 -39.42
C LEU D 79 9.66 5.85 -38.17
N LEU D 80 10.16 5.42 -37.01
CA LEU D 80 9.78 6.04 -35.75
C LEU D 80 10.18 7.52 -35.73
N ARG D 81 11.45 7.81 -36.04
CA ARG D 81 11.91 9.19 -36.06
C ARG D 81 11.10 10.00 -37.07
N GLU D 82 10.93 9.45 -38.28
CA GLU D 82 10.17 10.13 -39.32
C GLU D 82 8.78 10.44 -38.81
N ALA D 83 8.18 9.49 -38.11
CA ALA D 83 6.85 9.70 -37.58
C ALA D 83 6.89 10.80 -36.52
N PHE D 84 7.95 10.81 -35.72
CA PHE D 84 8.07 11.84 -34.69
C PHE D 84 8.26 13.22 -35.30
N ARG D 85 9.05 13.27 -36.37
CA ARG D 85 9.32 14.52 -37.08
C ARG D 85 8.00 15.14 -37.50
N GLN D 86 7.12 14.33 -38.09
CA GLN D 86 5.81 14.79 -38.56
C GLN D 86 4.86 15.14 -37.43
N VAL D 87 5.20 14.70 -36.22
CA VAL D 87 4.36 15.00 -35.07
C VAL D 87 4.77 16.41 -34.62
N GLN D 88 6.06 16.69 -34.73
CA GLN D 88 6.61 18.00 -34.38
C GLN D 88 5.95 19.05 -35.28
N GLU D 89 5.89 18.75 -36.58
CA GLU D 89 5.31 19.66 -37.55
C GLU D 89 3.93 20.17 -37.13
N LYS D 90 3.11 19.31 -36.53
CA LYS D 90 1.78 19.73 -36.10
C LYS D 90 1.81 20.35 -34.71
N GLY D 91 3.02 20.62 -34.22
CA GLY D 91 3.20 21.23 -32.92
C GLY D 91 3.13 20.29 -31.73
N TYR D 92 3.46 19.02 -31.93
CA TYR D 92 3.40 18.06 -30.84
C TYR D 92 4.72 17.55 -30.30
N LYS D 93 4.71 17.31 -28.99
CA LYS D 93 5.86 16.78 -28.27
C LYS D 93 5.33 15.53 -27.57
N ILE D 94 6.23 14.68 -27.10
CA ILE D 94 5.80 13.47 -26.41
C ILE D 94 5.51 13.71 -24.93
N GLY D 95 4.37 13.19 -24.48
CA GLY D 95 4.02 13.31 -23.07
C GLY D 95 4.64 12.12 -22.39
N ASN D 96 4.22 10.92 -22.80
CA ASN D 96 4.76 9.67 -22.28
C ASN D 96 4.18 8.53 -23.09
N VAL D 97 4.94 7.45 -23.21
CA VAL D 97 4.47 6.31 -23.98
C VAL D 97 4.55 5.04 -23.14
N ASP D 98 3.56 4.16 -23.33
CA ASP D 98 3.49 2.90 -22.62
C ASP D 98 3.35 1.79 -23.65
N ILE D 99 4.27 0.84 -23.64
CA ILE D 99 4.26 -0.25 -24.61
C ILE D 99 4.21 -1.64 -23.99
N THR D 100 3.32 -2.48 -24.49
CA THR D 100 3.15 -3.84 -23.99
C THR D 100 3.44 -4.90 -25.04
N ILE D 101 4.57 -5.57 -24.89
CA ILE D 101 4.98 -6.61 -25.80
C ILE D 101 4.34 -7.92 -25.38
N ILE D 102 3.52 -8.49 -26.25
CA ILE D 102 2.84 -9.75 -25.98
C ILE D 102 3.63 -10.86 -26.66
N ALA D 103 4.35 -11.65 -25.87
CA ALA D 103 5.16 -12.73 -26.43
C ALA D 103 5.38 -13.89 -25.48
N GLN D 104 5.46 -15.09 -26.03
CA GLN D 104 5.71 -16.27 -25.23
C GLN D 104 7.22 -16.39 -25.12
N ALA D 105 7.81 -15.47 -24.37
CA ALA D 105 9.24 -15.43 -24.14
C ALA D 105 9.50 -14.84 -22.77
N PRO D 106 10.71 -15.07 -22.22
CA PRO D 106 11.03 -14.54 -20.90
C PRO D 106 12.26 -13.61 -20.87
N LYS D 107 13.35 -14.09 -21.46
CA LYS D 107 14.62 -13.36 -21.50
C LYS D 107 14.61 -12.00 -22.20
N MSE D 108 13.64 -11.16 -21.85
CA MSE D 108 13.54 -9.83 -22.43
C MSE D 108 13.73 -8.82 -21.32
O MSE D 108 14.29 -7.74 -21.53
CB MSE D 108 12.18 -9.61 -23.09
CG MSE D 108 11.96 -10.43 -24.36
SE MSE D 108 10.65 -9.61 -25.52
CE MSE D 108 11.86 -8.58 -26.62
N ARG D 109 13.27 -9.19 -20.14
CA ARG D 109 13.36 -8.34 -18.95
C ARG D 109 14.68 -7.55 -18.95
N PRO D 110 15.81 -8.23 -19.20
CA PRO D 110 17.12 -7.58 -19.22
C PRO D 110 17.36 -6.52 -20.30
N HIS D 111 16.80 -6.72 -21.49
CA HIS D 111 16.97 -5.80 -22.60
C HIS D 111 15.99 -4.63 -22.66
N ILE D 112 15.03 -4.61 -21.74
CA ILE D 112 14.02 -3.56 -21.72
C ILE D 112 14.61 -2.14 -21.69
N ASP D 113 15.60 -1.93 -20.85
CA ASP D 113 16.22 -0.61 -20.73
C ASP D 113 16.95 -0.15 -21.98
N ALA D 114 17.60 -1.07 -22.68
CA ALA D 114 18.29 -0.73 -23.91
C ALA D 114 17.26 -0.21 -24.92
N MSE D 115 16.07 -0.81 -24.90
CA MSE D 115 14.98 -0.41 -25.78
C MSE D 115 14.51 0.99 -25.43
O MSE D 115 14.39 1.86 -26.29
CB MSE D 115 13.78 -1.37 -25.63
CG MSE D 115 13.97 -2.75 -26.23
SE MSE D 115 12.50 -3.95 -25.78
CE MSE D 115 11.11 -3.18 -26.87
N ARG D 116 14.20 1.21 -24.15
CA ARG D 116 13.73 2.49 -23.66
C ARG D 116 14.68 3.62 -24.05
N ALA D 117 15.98 3.40 -23.80
CA ALA D 117 16.98 4.40 -24.15
C ALA D 117 16.88 4.75 -25.62
N LYS D 118 16.94 3.74 -26.49
CA LYS D 118 16.86 3.95 -27.92
C LYS D 118 15.56 4.62 -28.36
N ILE D 119 14.46 4.29 -27.68
CA ILE D 119 13.17 4.89 -28.02
C ILE D 119 13.14 6.35 -27.56
N ALA D 120 13.68 6.60 -26.36
CA ALA D 120 13.72 7.96 -25.81
C ALA D 120 14.51 8.86 -26.76
N GLU D 121 15.53 8.29 -27.39
CA GLU D 121 16.37 9.04 -28.31
C GLU D 121 15.61 9.44 -29.58
N ASP D 122 14.95 8.46 -30.21
CA ASP D 122 14.20 8.73 -31.43
C ASP D 122 13.03 9.68 -31.14
N LEU D 123 12.61 9.77 -29.88
CA LEU D 123 11.50 10.64 -29.52
C LEU D 123 11.96 11.93 -28.83
N GLN D 124 13.27 12.07 -28.70
CA GLN D 124 13.89 13.25 -28.10
C GLN D 124 13.29 13.61 -26.74
N CYS D 125 12.81 12.60 -26.01
CA CYS D 125 12.24 12.83 -24.70
C CYS D 125 13.12 12.12 -23.67
N ASP D 126 12.72 12.16 -22.41
CA ASP D 126 13.49 11.51 -21.38
C ASP D 126 13.11 10.03 -21.24
N ILE D 127 14.09 9.20 -20.89
CA ILE D 127 13.84 7.78 -20.74
C ILE D 127 12.76 7.53 -19.70
N GLU D 128 12.57 8.51 -18.82
CA GLU D 128 11.57 8.41 -17.76
C GLU D 128 10.17 8.58 -18.35
N GLN D 129 10.12 8.93 -19.63
CA GLN D 129 8.83 9.13 -20.31
C GLN D 129 8.43 7.92 -21.15
N VAL D 130 9.26 6.88 -21.12
CA VAL D 130 8.99 5.67 -21.89
C VAL D 130 8.95 4.40 -21.07
N ASN D 131 7.84 3.68 -21.16
CA ASN D 131 7.69 2.44 -20.45
C ASN D 131 7.52 1.27 -21.40
N VAL D 132 8.23 0.18 -21.12
CA VAL D 132 8.16 -1.00 -21.93
C VAL D 132 8.01 -2.20 -21.01
N LYS D 133 6.94 -2.96 -21.20
CA LYS D 133 6.71 -4.15 -20.40
C LYS D 133 6.53 -5.32 -21.35
N ALA D 134 6.67 -6.54 -20.82
CA ALA D 134 6.52 -7.75 -21.62
C ALA D 134 5.62 -8.72 -20.87
N THR D 135 4.60 -9.23 -21.56
CA THR D 135 3.68 -10.17 -20.94
C THR D 135 3.43 -11.34 -21.88
N THR D 136 2.86 -12.42 -21.37
CA THR D 136 2.56 -13.58 -22.19
C THR D 136 1.07 -13.89 -22.12
N THR D 137 0.63 -14.78 -23.00
CA THR D 137 -0.76 -15.21 -23.04
C THR D 137 -0.86 -16.61 -22.43
N GLU D 138 0.15 -16.96 -21.63
CA GLU D 138 0.21 -18.26 -20.95
C GLU D 138 -0.06 -19.42 -21.90
N LYS D 139 0.73 -19.49 -22.97
CA LYS D 139 0.63 -20.56 -23.97
C LYS D 139 -0.66 -20.60 -24.80
N LEU D 140 -1.51 -19.59 -24.72
CA LEU D 140 -2.74 -19.60 -25.51
C LEU D 140 -2.61 -18.68 -26.73
N GLY D 141 -3.43 -18.90 -27.74
CA GLY D 141 -3.40 -18.07 -28.94
C GLY D 141 -2.15 -18.19 -29.79
N PHE D 142 -2.08 -17.44 -30.89
CA PHE D 142 -0.94 -17.54 -31.79
C PHE D 142 0.40 -17.12 -31.18
N THR D 143 0.38 -16.25 -30.18
CA THR D 143 1.64 -15.87 -29.53
C THR D 143 1.98 -16.99 -28.55
N GLY D 144 0.94 -17.61 -27.99
CA GLY D 144 1.16 -18.70 -27.05
C GLY D 144 1.73 -19.93 -27.75
N ARG D 145 1.26 -20.17 -28.97
CA ARG D 145 1.74 -21.30 -29.75
C ARG D 145 3.03 -20.89 -30.46
N GLN D 146 3.54 -19.71 -30.13
CA GLN D 146 4.80 -19.21 -30.70
C GLN D 146 4.82 -19.11 -32.23
N GLU D 147 3.70 -18.72 -32.82
CA GLU D 147 3.64 -18.58 -34.26
C GLU D 147 4.03 -17.16 -34.64
N GLY D 148 4.14 -16.30 -33.63
CA GLY D 148 4.51 -14.90 -33.81
C GLY D 148 4.46 -14.13 -32.49
N ILE D 149 4.65 -12.81 -32.58
CA ILE D 149 4.60 -11.94 -31.42
C ILE D 149 3.80 -10.69 -31.76
N ALA D 150 3.09 -10.17 -30.77
CA ALA D 150 2.28 -8.98 -30.95
C ALA D 150 2.78 -7.87 -30.03
N CYS D 151 2.12 -6.72 -30.07
CA CYS D 151 2.51 -5.60 -29.24
C CYS D 151 1.45 -4.53 -29.26
N GLU D 152 1.12 -4.02 -28.09
CA GLU D 152 0.12 -2.98 -27.96
C GLU D 152 0.80 -1.75 -27.40
N ALA D 153 0.44 -0.57 -27.91
CA ALA D 153 1.06 0.66 -27.43
C ALA D 153 0.09 1.82 -27.35
N VAL D 154 0.34 2.71 -26.39
CA VAL D 154 -0.47 3.91 -26.22
C VAL D 154 0.49 5.08 -26.01
N ALA D 155 0.15 6.23 -26.57
CA ALA D 155 0.98 7.41 -26.44
C ALA D 155 0.16 8.63 -26.09
N LEU D 156 0.78 9.56 -25.37
CA LEU D 156 0.11 10.80 -25.02
C LEU D 156 0.94 11.93 -25.60
N LEU D 157 0.32 12.70 -26.48
CA LEU D 157 1.01 13.82 -27.10
C LEU D 157 0.61 15.11 -26.42
N ILE D 158 1.58 16.01 -26.26
CA ILE D 158 1.34 17.31 -25.66
C ILE D 158 1.90 18.42 -26.54
N ARG D 159 1.20 19.56 -26.58
CA ARG D 159 1.63 20.70 -27.38
C ARG D 159 3.02 21.17 -26.97
N GLN D 160 3.91 21.29 -27.96
CA GLN D 160 5.26 21.74 -27.69
C GLN D 160 5.35 23.26 -27.77
N SER E 2 -14.10 14.84 -13.81
CA SER E 2 -12.70 15.26 -14.10
C SER E 2 -12.66 16.27 -15.23
N LEU E 3 -11.46 16.76 -15.54
CA LEU E 3 -11.28 17.70 -16.63
C LEU E 3 -10.90 16.90 -17.86
N ILE E 4 -10.28 15.75 -17.62
CA ILE E 4 -9.83 14.85 -18.68
C ILE E 4 -10.19 13.41 -18.33
N ARG E 5 -10.54 12.63 -19.34
CA ARG E 5 -10.89 11.23 -19.13
C ARG E 5 -10.40 10.36 -20.29
N ILE E 6 -9.92 9.18 -19.95
CA ILE E 6 -9.40 8.23 -20.94
C ILE E 6 -10.32 7.01 -20.99
N GLY E 7 -10.51 6.45 -22.18
CA GLY E 7 -11.38 5.30 -22.32
C GLY E 7 -10.86 4.33 -23.36
N HIS E 8 -11.25 3.06 -23.24
CA HIS E 8 -10.80 2.03 -24.16
C HIS E 8 -11.90 1.04 -24.56
N GLY E 9 -11.93 0.69 -25.84
CA GLY E 9 -12.92 -0.24 -26.34
C GLY E 9 -12.32 -1.36 -27.17
N PHE E 10 -12.98 -2.51 -27.16
CA PHE E 10 -12.56 -3.68 -27.92
C PHE E 10 -13.80 -4.40 -28.36
N ASP E 11 -13.90 -4.70 -29.65
CA ASP E 11 -15.07 -5.38 -30.19
C ASP E 11 -14.69 -6.39 -31.25
N VAL E 12 -15.48 -7.45 -31.33
CA VAL E 12 -15.24 -8.50 -32.31
C VAL E 12 -16.56 -8.88 -32.95
N HIS E 13 -16.49 -9.23 -34.24
CA HIS E 13 -17.66 -9.68 -34.97
C HIS E 13 -17.26 -10.96 -35.67
N ALA E 14 -17.90 -12.06 -35.33
CA ALA E 14 -17.60 -13.33 -35.98
C ALA E 14 -18.46 -13.41 -37.24
N PHE E 15 -17.88 -13.88 -38.33
CA PHE E 15 -18.62 -14.00 -39.58
C PHE E 15 -19.60 -15.17 -39.53
N GLY E 16 -20.82 -14.94 -40.00
CA GLY E 16 -21.83 -15.99 -40.02
C GLY E 16 -22.54 -15.95 -41.35
N GLU E 17 -23.17 -17.06 -41.73
CA GLU E 17 -23.91 -17.13 -43.00
C GLU E 17 -25.35 -17.57 -42.81
N ASP E 18 -26.20 -17.17 -43.76
CA ASP E 18 -27.62 -17.50 -43.72
C ASP E 18 -28.05 -18.18 -45.01
N ARG E 19 -29.08 -19.01 -44.93
CA ARG E 19 -29.56 -19.70 -46.10
C ARG E 19 -30.96 -20.22 -45.90
N PRO E 20 -31.76 -20.24 -46.97
CA PRO E 20 -33.14 -20.73 -46.84
C PRO E 20 -33.19 -22.24 -46.94
N LEU E 21 -34.12 -22.83 -46.21
CA LEU E 21 -34.32 -24.27 -46.23
C LEU E 21 -35.80 -24.53 -46.29
N ILE E 22 -36.17 -25.65 -46.87
CA ILE E 22 -37.55 -26.06 -46.95
C ILE E 22 -37.67 -27.14 -45.89
N ILE E 23 -38.55 -26.92 -44.91
CA ILE E 23 -38.75 -27.89 -43.85
C ILE E 23 -40.22 -28.03 -43.56
N GLY E 24 -40.74 -29.24 -43.72
CA GLY E 24 -42.16 -29.47 -43.50
C GLY E 24 -42.96 -28.71 -44.55
N GLY E 25 -42.38 -28.58 -45.74
CA GLY E 25 -43.04 -27.87 -46.81
C GLY E 25 -43.03 -26.36 -46.63
N VAL E 26 -42.37 -25.89 -45.59
CA VAL E 26 -42.31 -24.45 -45.33
C VAL E 26 -40.88 -23.94 -45.46
N GLU E 27 -40.73 -22.68 -45.87
CA GLU E 27 -39.42 -22.08 -46.03
C GLU E 27 -38.99 -21.45 -44.72
N VAL E 28 -37.81 -21.81 -44.26
CA VAL E 28 -37.29 -21.24 -43.02
C VAL E 28 -35.83 -20.86 -43.19
N PRO E 29 -35.41 -19.78 -42.55
CA PRO E 29 -34.04 -19.31 -42.62
C PRO E 29 -33.15 -20.14 -41.69
N TYR E 30 -31.92 -20.39 -42.11
CA TYR E 30 -31.00 -21.15 -41.27
C TYR E 30 -29.72 -20.36 -41.14
N HIS E 31 -29.34 -20.08 -39.91
CA HIS E 31 -28.14 -19.31 -39.64
C HIS E 31 -26.98 -20.19 -39.14
N THR E 32 -25.82 -20.00 -39.75
CA THR E 32 -24.63 -20.73 -39.37
C THR E 32 -23.68 -19.75 -38.71
N GLY E 33 -23.13 -20.15 -37.56
CA GLY E 33 -22.21 -19.28 -36.86
C GLY E 33 -22.87 -18.49 -35.74
N PHE E 34 -22.10 -17.57 -35.15
CA PHE E 34 -22.60 -16.76 -34.06
C PHE E 34 -23.83 -15.95 -34.47
N ILE E 35 -24.84 -15.94 -33.60
CA ILE E 35 -26.07 -15.23 -33.87
C ILE E 35 -25.94 -13.70 -33.87
N ALA E 36 -26.31 -13.11 -35.00
CA ALA E 36 -26.26 -11.67 -35.21
C ALA E 36 -27.09 -10.92 -34.15
N HIS E 37 -26.65 -9.72 -33.81
CA HIS E 37 -27.34 -8.92 -32.81
C HIS E 37 -27.01 -7.46 -33.06
N SER E 38 -26.39 -7.19 -34.20
CA SER E 38 -25.99 -5.85 -34.58
C SER E 38 -25.65 -5.84 -36.06
N ASP E 39 -25.00 -4.78 -36.53
CA ASP E 39 -24.64 -4.70 -37.93
C ASP E 39 -23.18 -5.11 -38.09
N GLY E 40 -22.59 -5.60 -37.01
CA GLY E 40 -21.20 -6.04 -37.03
C GLY E 40 -20.16 -4.96 -37.23
N ASP E 41 -20.52 -3.70 -36.98
CA ASP E 41 -19.58 -2.60 -37.14
C ASP E 41 -18.69 -2.51 -35.91
N VAL E 42 -17.63 -3.30 -35.91
CA VAL E 42 -16.69 -3.35 -34.79
C VAL E 42 -16.02 -2.02 -34.51
N ALA E 43 -15.81 -1.23 -35.55
CA ALA E 43 -15.15 0.06 -35.36
C ALA E 43 -16.02 0.99 -34.54
N LEU E 44 -17.30 1.09 -34.88
CA LEU E 44 -18.18 1.97 -34.14
C LEU E 44 -18.48 1.38 -32.78
N HIS E 45 -18.53 0.05 -32.69
CA HIS E 45 -18.80 -0.59 -31.41
C HIS E 45 -17.67 -0.35 -30.41
N ALA E 46 -16.42 -0.47 -30.86
CA ALA E 46 -15.29 -0.25 -29.99
C ALA E 46 -15.21 1.21 -29.57
N LEU E 47 -15.49 2.12 -30.51
CA LEU E 47 -15.46 3.55 -30.24
C LEU E 47 -16.52 3.92 -29.21
N THR E 48 -17.68 3.29 -29.34
CA THR E 48 -18.80 3.51 -28.44
C THR E 48 -18.42 3.09 -27.03
N ASP E 49 -17.78 1.93 -26.90
CA ASP E 49 -17.37 1.44 -25.59
C ASP E 49 -16.26 2.32 -25.00
N ALA E 50 -15.36 2.79 -25.85
CA ALA E 50 -14.26 3.62 -25.39
C ALA E 50 -14.77 4.92 -24.78
N ILE E 51 -15.75 5.53 -25.44
CA ILE E 51 -16.31 6.78 -24.96
C ILE E 51 -17.18 6.58 -23.73
N LEU E 52 -18.00 5.54 -23.71
CA LEU E 52 -18.83 5.27 -22.55
C LEU E 52 -17.92 4.94 -21.38
N GLY E 53 -16.78 4.33 -21.69
CA GLY E 53 -15.82 3.92 -20.67
C GLY E 53 -15.11 5.10 -20.05
N ALA E 54 -14.68 6.04 -20.88
CA ALA E 54 -14.00 7.21 -20.39
C ALA E 54 -14.93 8.02 -19.50
N ALA E 55 -16.24 7.88 -19.71
CA ALA E 55 -17.23 8.61 -18.94
C ALA E 55 -17.82 7.78 -17.81
N ALA E 56 -17.33 6.56 -17.65
CA ALA E 56 -17.81 5.68 -16.60
C ALA E 56 -19.31 5.40 -16.71
N LEU E 57 -19.82 5.30 -17.93
CA LEU E 57 -21.24 5.02 -18.11
C LEU E 57 -21.46 3.53 -18.37
N GLY E 58 -20.39 2.75 -18.32
CA GLY E 58 -20.50 1.32 -18.52
C GLY E 58 -19.99 0.82 -19.86
N ASP E 59 -20.89 0.25 -20.65
CA ASP E 59 -20.55 -0.26 -21.97
C ASP E 59 -21.74 -0.13 -22.90
N ILE E 60 -21.49 -0.36 -24.19
CA ILE E 60 -22.53 -0.24 -25.21
C ILE E 60 -23.75 -1.11 -24.89
N GLY E 61 -23.56 -2.10 -24.02
CA GLY E 61 -24.66 -2.97 -23.66
C GLY E 61 -25.72 -2.27 -22.83
N LYS E 62 -25.36 -1.16 -22.19
CA LYS E 62 -26.28 -0.41 -21.35
C LYS E 62 -26.75 0.88 -22.01
N LEU E 63 -27.65 0.74 -22.99
CA LEU E 63 -28.17 1.92 -23.69
C LEU E 63 -29.69 1.92 -23.79
N PHE E 64 -30.24 0.85 -24.36
CA PHE E 64 -31.68 0.74 -24.51
C PHE E 64 -32.19 -0.58 -23.94
N PRO E 65 -32.97 -0.52 -22.84
CA PRO E 65 -33.52 -1.71 -22.20
C PRO E 65 -34.54 -2.45 -23.05
N ASN E 73 -30.58 -0.21 -31.92
CA ASN E 73 -29.64 -1.23 -31.43
C ASN E 73 -28.93 -1.95 -32.58
N ALA E 74 -29.57 -1.95 -33.75
CA ALA E 74 -28.99 -2.60 -34.91
C ALA E 74 -27.99 -1.66 -35.58
N ASP E 75 -28.42 -0.42 -35.81
CA ASP E 75 -27.53 0.55 -36.45
C ASP E 75 -26.53 1.14 -35.45
N SER E 76 -25.25 0.87 -35.69
CA SER E 76 -24.18 1.35 -34.82
C SER E 76 -24.07 2.87 -34.73
N ARG E 77 -24.21 3.56 -35.85
CA ARG E 77 -24.12 5.02 -35.85
C ARG E 77 -25.14 5.58 -34.87
N GLY E 78 -26.24 4.85 -34.69
CA GLY E 78 -27.26 5.29 -33.77
C GLY E 78 -26.73 5.19 -32.35
N LEU E 79 -26.41 3.97 -31.93
CA LEU E 79 -25.87 3.75 -30.59
C LEU E 79 -24.72 4.71 -30.33
N LEU E 80 -23.94 4.99 -31.38
CA LEU E 80 -22.82 5.90 -31.23
C LEU E 80 -23.26 7.32 -30.86
N ARG E 81 -24.42 7.75 -31.35
CA ARG E 81 -24.90 9.10 -31.03
C ARG E 81 -25.55 9.10 -29.64
N GLU E 82 -26.31 8.06 -29.34
CA GLU E 82 -26.97 7.95 -28.04
C GLU E 82 -25.91 7.93 -26.97
N ALA E 83 -24.80 7.27 -27.26
CA ALA E 83 -23.68 7.17 -26.33
C ALA E 83 -23.09 8.55 -26.09
N PHE E 84 -22.89 9.31 -27.18
CA PHE E 84 -22.33 10.65 -27.06
C PHE E 84 -23.30 11.62 -26.40
N ARG E 85 -24.60 11.32 -26.50
CA ARG E 85 -25.61 12.18 -25.90
C ARG E 85 -25.40 12.15 -24.39
N GLN E 86 -25.35 10.93 -23.84
CA GLN E 86 -25.17 10.73 -22.41
C GLN E 86 -23.84 11.26 -21.91
N VAL E 87 -22.81 11.14 -22.74
CA VAL E 87 -21.49 11.64 -22.38
C VAL E 87 -21.58 13.14 -22.23
N GLN E 88 -22.36 13.76 -23.10
CA GLN E 88 -22.58 15.20 -23.10
C GLN E 88 -23.32 15.61 -21.84
N GLU E 89 -24.34 14.84 -21.48
CA GLU E 89 -25.11 15.13 -20.28
C GLU E 89 -24.16 15.24 -19.09
N LYS E 90 -23.12 14.42 -19.06
CA LYS E 90 -22.17 14.47 -17.95
C LYS E 90 -21.14 15.58 -18.12
N GLY E 91 -21.38 16.46 -19.09
CA GLY E 91 -20.50 17.59 -19.32
C GLY E 91 -19.23 17.39 -20.13
N TYR E 92 -19.15 16.34 -20.94
CA TYR E 92 -17.94 16.11 -21.73
C TYR E 92 -18.12 16.32 -23.22
N LYS E 93 -16.98 16.49 -23.90
CA LYS E 93 -16.94 16.63 -25.35
C LYS E 93 -15.64 15.92 -25.78
N ILE E 94 -15.57 15.54 -27.04
CA ILE E 94 -14.40 14.83 -27.55
C ILE E 94 -13.11 15.63 -27.55
N GLY E 95 -12.02 14.96 -27.17
CA GLY E 95 -10.72 15.58 -27.19
C GLY E 95 -10.11 15.07 -28.48
N ASN E 96 -10.24 13.75 -28.67
CA ASN E 96 -9.77 13.06 -29.87
C ASN E 96 -9.93 11.56 -29.69
N VAL E 97 -10.06 10.85 -30.80
CA VAL E 97 -10.21 9.41 -30.79
C VAL E 97 -9.27 8.79 -31.80
N ASP E 98 -8.90 7.54 -31.55
CA ASP E 98 -8.02 6.78 -32.44
C ASP E 98 -8.51 5.33 -32.47
N ILE E 99 -8.94 4.90 -33.65
CA ILE E 99 -9.47 3.56 -33.87
C ILE E 99 -8.52 2.67 -34.65
N THR E 100 -8.38 1.42 -34.17
CA THR E 100 -7.50 0.46 -34.82
C THR E 100 -8.27 -0.79 -35.24
N ILE E 101 -8.49 -0.93 -36.54
CA ILE E 101 -9.20 -2.07 -37.08
C ILE E 101 -8.22 -3.21 -37.31
N ILE E 102 -8.57 -4.39 -36.80
CA ILE E 102 -7.73 -5.58 -36.94
C ILE E 102 -8.44 -6.60 -37.82
N ALA E 103 -8.00 -6.70 -39.05
CA ALA E 103 -8.61 -7.63 -40.01
C ALA E 103 -7.65 -8.04 -41.13
N GLN E 104 -7.80 -9.27 -41.60
CA GLN E 104 -6.94 -9.78 -42.66
C GLN E 104 -7.52 -9.28 -43.97
N ALA E 105 -7.46 -7.97 -44.16
CA ALA E 105 -8.00 -7.36 -45.36
C ALA E 105 -7.02 -6.37 -45.92
N PRO E 106 -7.11 -6.10 -47.23
CA PRO E 106 -6.22 -5.17 -47.90
C PRO E 106 -6.69 -3.71 -47.86
N LYS E 107 -7.36 -3.30 -48.93
CA LYS E 107 -7.83 -1.94 -49.10
C LYS E 107 -9.11 -1.47 -48.41
N MSE E 108 -8.92 -0.76 -47.31
CA MSE E 108 -10.01 -0.17 -46.55
C MSE E 108 -9.62 1.30 -46.52
O MSE E 108 -10.45 2.19 -46.37
CB MSE E 108 -10.10 -0.71 -45.12
CG MSE E 108 -10.67 -2.11 -45.00
SE MSE E 108 -11.57 -2.39 -43.29
CE MSE E 108 -13.04 -3.49 -43.87
N ARG E 109 -8.31 1.53 -46.70
CA ARG E 109 -7.74 2.88 -46.71
C ARG E 109 -8.55 3.82 -47.59
N PRO E 110 -8.99 3.33 -48.76
CA PRO E 110 -9.79 4.18 -49.67
C PRO E 110 -11.12 4.59 -49.05
N HIS E 111 -11.45 4.01 -47.90
CA HIS E 111 -12.71 4.31 -47.21
C HIS E 111 -12.49 4.89 -45.81
N ILE E 112 -11.24 4.99 -45.39
CA ILE E 112 -10.92 5.52 -44.07
C ILE E 112 -11.45 6.94 -43.82
N ASP E 113 -11.08 7.88 -44.70
CA ASP E 113 -11.52 9.26 -44.55
C ASP E 113 -13.04 9.39 -44.53
N ALA E 114 -13.74 8.53 -45.23
CA ALA E 114 -15.19 8.58 -45.25
C ALA E 114 -15.70 8.15 -43.88
N MSE E 115 -14.97 7.24 -43.25
CA MSE E 115 -15.31 6.75 -41.93
C MSE E 115 -15.09 7.88 -40.92
O MSE E 115 -15.94 8.13 -40.06
CB MSE E 115 -14.43 5.55 -41.56
CG MSE E 115 -14.68 4.30 -42.38
SE MSE E 115 -13.46 2.85 -41.91
CE MSE E 115 -14.25 2.35 -40.22
N ARG E 116 -13.96 8.55 -41.04
CA ARG E 116 -13.62 9.65 -40.15
C ARG E 116 -14.70 10.73 -40.18
N ALA E 117 -15.13 11.08 -41.40
CA ALA E 117 -16.15 12.09 -41.58
C ALA E 117 -17.42 11.74 -40.82
N LYS E 118 -17.88 10.50 -40.98
CA LYS E 118 -19.10 10.05 -40.32
C LYS E 118 -18.96 10.04 -38.80
N ILE E 119 -17.77 9.67 -38.34
CA ILE E 119 -17.52 9.64 -36.90
C ILE E 119 -17.50 11.06 -36.38
N ALA E 120 -16.78 11.93 -37.10
CA ALA E 120 -16.68 13.34 -36.72
C ALA E 120 -18.07 13.96 -36.63
N GLU E 121 -18.93 13.56 -37.57
CA GLU E 121 -20.28 14.06 -37.63
C GLU E 121 -21.06 13.69 -36.38
N ASP E 122 -21.20 12.39 -36.13
CA ASP E 122 -21.94 11.88 -34.97
C ASP E 122 -21.37 12.28 -33.62
N LEU E 123 -20.10 12.67 -33.59
CA LEU E 123 -19.46 13.09 -32.34
C LEU E 123 -19.42 14.62 -32.24
N GLN E 124 -20.02 15.28 -33.23
CA GLN E 124 -20.08 16.73 -33.28
C GLN E 124 -18.71 17.34 -32.99
N CYS E 125 -17.70 16.88 -33.72
CA CYS E 125 -16.35 17.38 -33.55
C CYS E 125 -15.66 17.53 -34.91
N ASP E 126 -14.38 17.86 -34.89
CA ASP E 126 -13.58 18.03 -36.11
C ASP E 126 -12.95 16.69 -36.52
N ILE E 127 -12.91 16.45 -37.82
CA ILE E 127 -12.36 15.21 -38.36
C ILE E 127 -10.86 15.12 -38.08
N GLU E 128 -10.29 16.20 -37.56
CA GLU E 128 -8.87 16.25 -37.24
C GLU E 128 -8.65 15.64 -35.86
N GLN E 129 -9.75 15.39 -35.16
CA GLN E 129 -9.73 14.79 -33.83
C GLN E 129 -10.13 13.31 -33.92
N VAL E 130 -10.26 12.81 -35.15
CA VAL E 130 -10.65 11.43 -35.39
C VAL E 130 -9.64 10.75 -36.30
N ASN E 131 -9.02 9.69 -35.80
CA ASN E 131 -8.03 8.95 -36.58
C ASN E 131 -8.50 7.51 -36.68
N VAL E 132 -8.26 6.89 -37.83
CA VAL E 132 -8.64 5.51 -38.04
C VAL E 132 -7.55 4.86 -38.85
N LYS E 133 -7.10 3.69 -38.40
CA LYS E 133 -6.05 2.95 -39.09
C LYS E 133 -6.50 1.49 -39.09
N ALA E 134 -5.95 0.72 -40.03
CA ALA E 134 -6.26 -0.69 -40.15
C ALA E 134 -4.95 -1.46 -40.24
N THR E 135 -4.89 -2.57 -39.50
CA THR E 135 -3.68 -3.39 -39.51
C THR E 135 -4.09 -4.86 -39.58
N THR E 136 -3.13 -5.73 -39.84
CA THR E 136 -3.44 -7.16 -39.92
C THR E 136 -2.60 -7.92 -38.91
N THR E 137 -2.94 -9.20 -38.72
CA THR E 137 -2.20 -10.04 -37.81
C THR E 137 -1.34 -10.99 -38.63
N GLU E 138 -1.03 -10.57 -39.85
CA GLU E 138 -0.21 -11.35 -40.76
C GLU E 138 -0.62 -12.83 -40.82
N LYS E 139 -1.92 -13.07 -41.02
CA LYS E 139 -2.47 -14.41 -41.14
C LYS E 139 -2.59 -15.22 -39.84
N LEU E 140 -2.24 -14.62 -38.71
CA LEU E 140 -2.31 -15.35 -37.44
C LEU E 140 -3.61 -15.08 -36.68
N GLY E 141 -4.00 -16.01 -35.82
CA GLY E 141 -5.21 -15.84 -35.03
C GLY E 141 -6.52 -15.90 -35.79
N PHE E 142 -7.63 -15.74 -35.08
CA PHE E 142 -8.92 -15.81 -35.74
C PHE E 142 -9.16 -14.73 -36.79
N THR E 143 -8.52 -13.56 -36.65
CA THR E 143 -8.70 -12.53 -37.66
C THR E 143 -7.84 -12.93 -38.85
N GLY E 144 -6.69 -13.54 -38.56
CA GLY E 144 -5.78 -13.98 -39.61
C GLY E 144 -6.39 -15.10 -40.44
N ARG E 145 -7.13 -15.98 -39.77
CA ARG E 145 -7.78 -17.08 -40.46
C ARG E 145 -9.08 -16.59 -41.10
N GLN E 146 -9.41 -15.32 -40.87
CA GLN E 146 -10.61 -14.71 -41.45
C GLN E 146 -11.91 -15.27 -40.92
N GLU E 147 -11.95 -15.59 -39.64
CA GLU E 147 -13.15 -16.12 -39.02
C GLU E 147 -14.00 -14.93 -38.54
N GLY E 148 -13.34 -13.78 -38.43
CA GLY E 148 -14.02 -12.58 -38.00
C GLY E 148 -13.09 -11.38 -37.96
N ILE E 149 -13.61 -10.24 -37.56
CA ILE E 149 -12.80 -9.03 -37.47
C ILE E 149 -12.91 -8.44 -36.08
N ALA E 150 -11.90 -7.67 -35.71
CA ALA E 150 -11.85 -7.05 -34.39
C ALA E 150 -11.45 -5.59 -34.50
N CYS E 151 -11.64 -4.84 -33.42
CA CYS E 151 -11.26 -3.44 -33.41
C CYS E 151 -10.96 -2.90 -32.02
N GLU E 152 -9.92 -2.08 -31.96
CA GLU E 152 -9.50 -1.48 -30.71
C GLU E 152 -9.66 0.04 -30.79
N ALA E 153 -10.09 0.66 -29.70
CA ALA E 153 -10.23 2.10 -29.69
C ALA E 153 -9.87 2.76 -28.36
N VAL E 154 -9.39 3.99 -28.45
CA VAL E 154 -9.05 4.79 -27.27
C VAL E 154 -9.69 6.15 -27.49
N ALA E 155 -10.30 6.70 -26.45
CA ALA E 155 -10.96 7.99 -26.54
C ALA E 155 -10.57 8.87 -25.37
N LEU E 156 -10.43 10.16 -25.66
CA LEU E 156 -10.06 11.13 -24.64
C LEU E 156 -11.17 12.17 -24.56
N LEU E 157 -11.81 12.26 -23.40
CA LEU E 157 -12.89 13.22 -23.21
C LEU E 157 -12.40 14.46 -22.48
N ILE E 158 -13.11 15.57 -22.67
CA ILE E 158 -12.79 16.84 -22.02
C ILE E 158 -14.10 17.54 -21.69
N ARG E 159 -14.09 18.36 -20.63
CA ARG E 159 -15.30 19.08 -20.27
C ARG E 159 -15.70 20.07 -21.35
N GLN E 160 -17.01 20.23 -21.53
CA GLN E 160 -17.55 21.14 -22.54
C GLN E 160 -17.03 22.57 -22.34
N SER F 2 5.05 14.57 -16.64
CA SER F 2 3.99 15.59 -16.90
C SER F 2 3.04 15.68 -15.71
N LEU F 3 1.87 16.25 -15.94
CA LEU F 3 0.85 16.35 -14.90
C LEU F 3 -0.19 15.29 -15.21
N ILE F 4 -0.11 14.75 -16.43
CA ILE F 4 -1.02 13.72 -16.90
C ILE F 4 -0.21 12.57 -17.52
N ARG F 5 -0.47 11.35 -17.05
CA ARG F 5 0.22 10.15 -17.55
C ARG F 5 -0.77 9.10 -18.04
N ILE F 6 -0.46 8.49 -19.18
CA ILE F 6 -1.33 7.47 -19.76
C ILE F 6 -0.66 6.10 -19.62
N GLY F 7 -1.46 5.08 -19.30
CA GLY F 7 -0.89 3.75 -19.16
C GLY F 7 -1.77 2.66 -19.74
N HIS F 8 -1.16 1.56 -20.14
CA HIS F 8 -1.89 0.45 -20.73
C HIS F 8 -1.44 -0.89 -20.18
N GLY F 9 -2.41 -1.77 -19.93
CA GLY F 9 -2.08 -3.08 -19.43
C GLY F 9 -2.85 -4.18 -20.15
N PHE F 10 -2.23 -5.35 -20.29
CA PHE F 10 -2.89 -6.48 -20.93
C PHE F 10 -2.48 -7.75 -20.22
N ASP F 11 -3.45 -8.62 -19.94
CA ASP F 11 -3.11 -9.86 -19.25
C ASP F 11 -4.01 -11.02 -19.61
N VAL F 12 -3.51 -12.23 -19.40
CA VAL F 12 -4.26 -13.43 -19.71
C VAL F 12 -4.16 -14.49 -18.62
N HIS F 13 -5.25 -15.24 -18.43
CA HIS F 13 -5.23 -16.33 -17.50
C HIS F 13 -5.71 -17.62 -18.18
N ALA F 14 -4.80 -18.58 -18.34
CA ALA F 14 -5.14 -19.87 -18.95
C ALA F 14 -5.66 -20.80 -17.85
N PHE F 15 -6.79 -21.44 -18.11
CA PHE F 15 -7.39 -22.34 -17.14
C PHE F 15 -6.57 -23.60 -16.93
N GLY F 16 -6.60 -24.07 -15.71
CA GLY F 16 -5.90 -25.29 -15.34
C GLY F 16 -6.89 -26.18 -14.61
N GLU F 17 -6.39 -27.21 -13.94
CA GLU F 17 -7.24 -28.12 -13.19
C GLU F 17 -6.38 -29.08 -12.40
N ASP F 18 -6.92 -29.52 -11.27
CA ASP F 18 -6.21 -30.45 -10.40
C ASP F 18 -7.04 -31.69 -10.15
N ARG F 19 -6.36 -32.81 -10.00
CA ARG F 19 -7.03 -34.08 -9.73
C ARG F 19 -6.14 -34.81 -8.74
N PRO F 20 -6.73 -35.68 -7.90
CA PRO F 20 -5.89 -36.39 -6.94
C PRO F 20 -5.38 -37.68 -7.59
N LEU F 21 -4.15 -38.08 -7.30
CA LEU F 21 -3.61 -39.33 -7.84
C LEU F 21 -2.93 -40.12 -6.75
N ILE F 22 -3.04 -41.43 -6.83
CA ILE F 22 -2.39 -42.30 -5.86
C ILE F 22 -1.15 -42.84 -6.55
N ILE F 23 0.01 -42.53 -5.98
CA ILE F 23 1.30 -42.98 -6.51
C ILE F 23 2.11 -43.47 -5.32
N GLY F 24 2.64 -44.69 -5.42
CA GLY F 24 3.43 -45.23 -4.33
C GLY F 24 2.65 -45.28 -3.03
N GLY F 25 1.34 -45.51 -3.13
CA GLY F 25 0.50 -45.60 -1.95
C GLY F 25 0.25 -44.27 -1.26
N VAL F 26 0.66 -43.19 -1.91
CA VAL F 26 0.48 -41.85 -1.37
C VAL F 26 -0.34 -40.99 -2.33
N GLU F 27 -1.21 -40.15 -1.79
CA GLU F 27 -1.99 -39.29 -2.67
C GLU F 27 -1.19 -38.04 -2.98
N VAL F 28 -1.14 -37.67 -4.25
CA VAL F 28 -0.42 -36.49 -4.66
C VAL F 28 -1.32 -35.74 -5.64
N PRO F 29 -1.25 -34.41 -5.61
CA PRO F 29 -2.08 -33.62 -6.53
C PRO F 29 -1.42 -33.59 -7.90
N TYR F 30 -2.22 -33.51 -8.95
CA TYR F 30 -1.67 -33.45 -10.30
C TYR F 30 -2.35 -32.30 -11.03
N HIS F 31 -1.55 -31.30 -11.39
CA HIS F 31 -2.04 -30.13 -12.09
C HIS F 31 -1.99 -30.31 -13.61
N THR F 32 -3.06 -29.94 -14.27
CA THR F 32 -3.16 -30.01 -15.74
C THR F 32 -3.26 -28.57 -16.19
N GLY F 33 -2.55 -28.22 -17.26
CA GLY F 33 -2.60 -26.85 -17.76
C GLY F 33 -1.53 -25.93 -17.21
N PHE F 34 -1.64 -24.65 -17.57
CA PHE F 34 -0.67 -23.65 -17.13
C PHE F 34 -0.56 -23.67 -15.62
N ILE F 35 0.67 -23.58 -15.12
CA ILE F 35 0.93 -23.62 -13.69
C ILE F 35 0.52 -22.33 -13.00
N ALA F 36 -0.41 -22.45 -12.06
CA ALA F 36 -0.89 -21.32 -11.28
C ALA F 36 0.28 -20.58 -10.64
N HIS F 37 0.20 -19.27 -10.60
CA HIS F 37 1.24 -18.44 -10.02
C HIS F 37 0.61 -17.19 -9.42
N SER F 38 -0.71 -17.12 -9.44
CA SER F 38 -1.45 -15.99 -8.91
C SER F 38 -2.89 -16.45 -8.74
N ASP F 39 -3.76 -15.55 -8.30
CA ASP F 39 -5.16 -15.90 -8.13
C ASP F 39 -5.88 -15.87 -9.48
N GLY F 40 -5.13 -15.49 -10.52
CA GLY F 40 -5.68 -15.43 -11.86
C GLY F 40 -6.60 -14.26 -12.15
N ASP F 41 -6.52 -13.20 -11.33
CA ASP F 41 -7.39 -12.04 -11.53
C ASP F 41 -6.88 -11.17 -12.67
N VAL F 42 -7.27 -11.51 -13.90
CA VAL F 42 -6.82 -10.78 -15.08
C VAL F 42 -7.19 -9.31 -15.06
N ALA F 43 -8.35 -8.99 -14.50
CA ALA F 43 -8.80 -7.60 -14.43
C ALA F 43 -7.84 -6.75 -13.60
N LEU F 44 -7.41 -7.27 -12.45
CA LEU F 44 -6.51 -6.51 -11.61
C LEU F 44 -5.08 -6.51 -12.13
N HIS F 45 -4.65 -7.63 -12.71
CA HIS F 45 -3.30 -7.69 -13.27
C HIS F 45 -3.13 -6.60 -14.34
N ALA F 46 -4.06 -6.57 -15.29
CA ALA F 46 -4.00 -5.59 -16.38
C ALA F 46 -4.02 -4.16 -15.84
N LEU F 47 -4.97 -3.88 -14.95
CA LEU F 47 -5.09 -2.57 -14.35
C LEU F 47 -3.77 -2.20 -13.66
N THR F 48 -3.21 -3.15 -12.93
CA THR F 48 -1.95 -2.92 -12.22
C THR F 48 -0.87 -2.57 -13.23
N ASP F 49 -0.80 -3.32 -14.32
CA ASP F 49 0.21 -3.03 -15.35
C ASP F 49 -0.01 -1.65 -15.96
N ALA F 50 -1.26 -1.27 -16.21
CA ALA F 50 -1.55 0.03 -16.80
C ALA F 50 -1.07 1.16 -15.89
N ILE F 51 -1.40 1.05 -14.61
CA ILE F 51 -1.01 2.06 -13.62
C ILE F 51 0.50 2.13 -13.48
N LEU F 52 1.16 0.97 -13.38
CA LEU F 52 2.61 0.96 -13.26
C LEU F 52 3.26 1.47 -14.56
N GLY F 53 2.65 1.12 -15.70
CA GLY F 53 3.20 1.54 -16.98
C GLY F 53 3.07 3.03 -17.22
N ALA F 54 1.96 3.61 -16.77
CA ALA F 54 1.71 5.03 -16.94
C ALA F 54 2.80 5.88 -16.33
N ALA F 55 3.31 5.44 -15.18
CA ALA F 55 4.35 6.17 -14.46
C ALA F 55 5.74 5.59 -14.72
N ALA F 56 5.84 4.77 -15.75
CA ALA F 56 7.11 4.14 -16.12
C ALA F 56 7.77 3.38 -14.99
N LEU F 57 6.99 2.56 -14.29
CA LEU F 57 7.52 1.74 -13.21
C LEU F 57 7.62 0.28 -13.66
N GLY F 58 7.77 0.08 -14.97
CA GLY F 58 7.91 -1.26 -15.51
C GLY F 58 6.62 -2.03 -15.69
N ASP F 59 6.38 -3.00 -14.82
CA ASP F 59 5.19 -3.82 -14.86
C ASP F 59 5.06 -4.65 -13.58
N ILE F 60 3.92 -5.32 -13.43
CA ILE F 60 3.62 -6.12 -12.25
C ILE F 60 4.76 -7.03 -11.78
N GLY F 61 5.55 -7.53 -12.72
CA GLY F 61 6.65 -8.41 -12.38
C GLY F 61 7.79 -7.76 -11.61
N LYS F 62 7.81 -6.43 -11.56
CA LYS F 62 8.87 -5.72 -10.86
C LYS F 62 8.45 -5.19 -9.49
N LEU F 63 7.16 -5.26 -9.20
CA LEU F 63 6.64 -4.77 -7.92
C LEU F 63 7.49 -5.26 -6.74
N PHE F 64 7.72 -6.57 -6.71
CA PHE F 64 8.53 -7.17 -5.65
C PHE F 64 9.83 -7.73 -6.21
N PRO F 65 10.84 -6.85 -6.42
CA PRO F 65 12.15 -7.24 -6.96
C PRO F 65 12.99 -8.04 -5.96
N ASN F 73 1.53 -11.44 -3.04
CA ASN F 73 1.91 -11.79 -4.40
C ASN F 73 0.89 -12.70 -5.08
N ALA F 74 0.08 -13.37 -4.27
CA ALA F 74 -0.96 -14.25 -4.79
C ALA F 74 -2.23 -13.42 -4.97
N ASP F 75 -2.56 -12.64 -3.94
CA ASP F 75 -3.74 -11.80 -3.99
C ASP F 75 -3.45 -10.61 -4.88
N SER F 76 -4.25 -10.45 -5.93
CA SER F 76 -4.04 -9.36 -6.86
C SER F 76 -4.36 -7.98 -6.29
N ARG F 77 -5.29 -7.89 -5.34
CA ARG F 77 -5.63 -6.60 -4.74
C ARG F 77 -4.41 -6.04 -4.01
N GLY F 78 -3.57 -6.93 -3.48
CA GLY F 78 -2.37 -6.50 -2.80
C GLY F 78 -1.41 -5.90 -3.82
N LEU F 79 -1.24 -6.60 -4.94
CA LEU F 79 -0.36 -6.12 -6.00
C LEU F 79 -0.88 -4.78 -6.51
N LEU F 80 -2.20 -4.70 -6.66
CA LEU F 80 -2.83 -3.46 -7.12
C LEU F 80 -2.50 -2.34 -6.13
N ARG F 81 -2.67 -2.62 -4.84
CA ARG F 81 -2.38 -1.61 -3.82
C ARG F 81 -0.91 -1.22 -3.78
N GLU F 82 -0.03 -2.21 -3.89
CA GLU F 82 1.39 -1.91 -3.88
C GLU F 82 1.70 -0.95 -5.04
N ALA F 83 1.14 -1.27 -6.21
CA ALA F 83 1.35 -0.44 -7.40
C ALA F 83 0.84 0.97 -7.19
N PHE F 84 -0.33 1.12 -6.58
CA PHE F 84 -0.85 2.46 -6.35
C PHE F 84 0.05 3.22 -5.39
N ARG F 85 0.48 2.56 -4.31
CA ARG F 85 1.36 3.24 -3.36
C ARG F 85 2.62 3.75 -4.06
N GLN F 86 3.24 2.89 -4.86
CA GLN F 86 4.44 3.28 -5.59
C GLN F 86 4.15 4.47 -6.49
N VAL F 87 2.95 4.47 -7.07
CA VAL F 87 2.54 5.56 -7.95
C VAL F 87 2.38 6.81 -7.09
N GLN F 88 1.80 6.63 -5.92
CA GLN F 88 1.59 7.71 -4.97
C GLN F 88 2.94 8.30 -4.54
N GLU F 89 3.90 7.45 -4.17
CA GLU F 89 5.23 7.92 -3.76
C GLU F 89 5.89 8.78 -4.83
N LYS F 90 5.48 8.64 -6.08
CA LYS F 90 6.06 9.45 -7.14
C LYS F 90 5.23 10.70 -7.38
N GLY F 91 4.22 10.88 -6.53
CA GLY F 91 3.36 12.06 -6.64
C GLY F 91 2.21 11.98 -7.63
N TYR F 92 1.72 10.77 -7.90
CA TYR F 92 0.60 10.61 -8.82
C TYR F 92 -0.68 10.20 -8.11
N LYS F 93 -1.79 10.49 -8.77
CA LYS F 93 -3.10 10.17 -8.24
C LYS F 93 -3.92 9.63 -9.42
N ILE F 94 -4.94 8.83 -9.13
CA ILE F 94 -5.77 8.27 -10.19
C ILE F 94 -6.68 9.30 -10.84
N GLY F 95 -6.53 9.49 -12.15
CA GLY F 95 -7.40 10.39 -12.88
C GLY F 95 -8.67 9.58 -13.06
N ASN F 96 -8.59 8.57 -13.93
CA ASN F 96 -9.71 7.68 -14.15
C ASN F 96 -9.18 6.35 -14.70
N VAL F 97 -9.95 5.30 -14.54
CA VAL F 97 -9.57 3.97 -15.00
C VAL F 97 -10.67 3.29 -15.80
N ASP F 98 -10.30 2.62 -16.90
CA ASP F 98 -11.26 1.93 -17.75
C ASP F 98 -10.73 0.53 -18.08
N ILE F 99 -11.54 -0.48 -17.76
CA ILE F 99 -11.16 -1.87 -17.94
C ILE F 99 -12.11 -2.67 -18.81
N THR F 100 -11.54 -3.51 -19.68
CA THR F 100 -12.32 -4.36 -20.58
C THR F 100 -11.97 -5.83 -20.41
N ILE F 101 -12.91 -6.58 -19.86
CA ILE F 101 -12.72 -8.01 -19.63
C ILE F 101 -13.17 -8.77 -20.88
N ILE F 102 -12.30 -9.62 -21.39
CA ILE F 102 -12.61 -10.41 -22.58
C ILE F 102 -12.77 -11.87 -22.15
N ALA F 103 -14.00 -12.35 -22.13
CA ALA F 103 -14.28 -13.71 -21.71
C ALA F 103 -15.61 -14.21 -22.24
N GLN F 104 -15.65 -15.49 -22.58
CA GLN F 104 -16.86 -16.11 -23.10
C GLN F 104 -17.74 -16.51 -21.93
N ALA F 105 -18.17 -15.52 -21.16
CA ALA F 105 -19.00 -15.75 -19.99
C ALA F 105 -20.19 -14.80 -19.98
N PRO F 106 -21.31 -15.23 -19.37
CA PRO F 106 -22.50 -14.39 -19.29
C PRO F 106 -22.65 -13.67 -17.94
N LYS F 107 -23.23 -14.37 -16.97
CA LYS F 107 -23.48 -13.83 -15.62
C LYS F 107 -22.26 -13.32 -14.86
N MSE F 108 -21.70 -12.22 -15.34
CA MSE F 108 -20.54 -11.60 -14.71
C MSE F 108 -20.84 -10.13 -14.62
O MSE F 108 -20.33 -9.42 -13.75
CB MSE F 108 -19.30 -11.82 -15.57
CG MSE F 108 -18.02 -11.30 -14.95
SE MSE F 108 -16.54 -11.52 -16.16
CE MSE F 108 -16.45 -13.46 -16.19
N ARG F 109 -21.70 -9.67 -15.52
CA ARG F 109 -22.13 -8.28 -15.58
C ARG F 109 -22.77 -7.83 -14.25
N PRO F 110 -23.46 -8.74 -13.56
CA PRO F 110 -24.11 -8.41 -12.28
C PRO F 110 -23.12 -8.08 -11.15
N HIS F 111 -21.88 -8.55 -11.30
CA HIS F 111 -20.83 -8.34 -10.31
C HIS F 111 -19.95 -7.15 -10.61
N ILE F 112 -20.10 -6.56 -11.79
CA ILE F 112 -19.29 -5.42 -12.20
C ILE F 112 -19.18 -4.35 -11.12
N ASP F 113 -20.33 -3.88 -10.64
CA ASP F 113 -20.35 -2.84 -9.62
C ASP F 113 -19.62 -3.23 -8.35
N ALA F 114 -19.62 -4.51 -8.01
CA ALA F 114 -18.93 -4.96 -6.81
C ALA F 114 -17.43 -4.84 -7.05
N MSE F 115 -17.02 -5.03 -8.31
CA MSE F 115 -15.61 -4.93 -8.66
C MSE F 115 -15.16 -3.48 -8.61
O MSE F 115 -14.12 -3.17 -8.05
CB MSE F 115 -15.39 -5.45 -10.08
CG MSE F 115 -15.71 -6.91 -10.30
SE MSE F 115 -15.59 -7.34 -12.19
CE MSE F 115 -16.72 -8.91 -12.20
N ARG F 116 -15.96 -2.60 -9.20
CA ARG F 116 -15.64 -1.19 -9.24
C ARG F 116 -15.44 -0.62 -7.84
N ALA F 117 -16.32 -1.02 -6.91
CA ALA F 117 -16.21 -0.55 -5.53
C ALA F 117 -14.85 -0.99 -4.99
N LYS F 118 -14.56 -2.27 -5.09
CA LYS F 118 -13.30 -2.77 -4.59
C LYS F 118 -12.11 -2.05 -5.23
N ILE F 119 -12.16 -1.85 -6.53
CA ILE F 119 -11.07 -1.16 -7.20
C ILE F 119 -11.01 0.28 -6.70
N ALA F 120 -12.17 0.81 -6.36
CA ALA F 120 -12.25 2.18 -5.85
C ALA F 120 -11.54 2.23 -4.48
N GLU F 121 -11.79 1.23 -3.64
CA GLU F 121 -11.15 1.17 -2.33
C GLU F 121 -9.63 1.09 -2.52
N ASP F 122 -9.18 0.03 -3.18
CA ASP F 122 -7.75 -0.18 -3.41
C ASP F 122 -7.01 0.97 -4.06
N LEU F 123 -7.70 1.73 -4.90
CA LEU F 123 -7.06 2.85 -5.60
C LEU F 123 -7.30 4.20 -4.93
N GLN F 124 -8.03 4.17 -3.82
CA GLN F 124 -8.32 5.38 -3.05
C GLN F 124 -8.90 6.48 -3.93
N CYS F 125 -10.00 6.18 -4.62
CA CYS F 125 -10.67 7.15 -5.47
C CYS F 125 -12.17 6.87 -5.45
N ASP F 126 -12.94 7.68 -6.16
CA ASP F 126 -14.38 7.51 -6.21
C ASP F 126 -14.74 6.42 -7.23
N ILE F 127 -15.78 5.64 -6.93
CA ILE F 127 -16.21 4.56 -7.82
C ILE F 127 -16.66 5.09 -9.17
N GLU F 128 -16.72 6.42 -9.28
CA GLU F 128 -17.15 7.06 -10.51
C GLU F 128 -15.94 7.31 -11.41
N GLN F 129 -14.76 7.01 -10.88
CA GLN F 129 -13.51 7.18 -11.63
C GLN F 129 -13.09 5.80 -12.11
N VAL F 130 -13.93 4.80 -11.87
CA VAL F 130 -13.61 3.45 -12.27
C VAL F 130 -14.71 2.85 -13.13
N ASN F 131 -14.31 2.41 -14.32
CA ASN F 131 -15.25 1.81 -15.25
C ASN F 131 -14.79 0.40 -15.58
N VAL F 132 -15.73 -0.54 -15.59
CA VAL F 132 -15.43 -1.91 -15.91
C VAL F 132 -16.46 -2.41 -16.93
N LYS F 133 -15.96 -2.95 -18.03
CA LYS F 133 -16.85 -3.46 -19.08
C LYS F 133 -16.46 -4.90 -19.40
N ALA F 134 -17.43 -5.66 -19.89
CA ALA F 134 -17.19 -7.05 -20.27
C ALA F 134 -17.70 -7.30 -21.68
N THR F 135 -16.94 -8.07 -22.45
CA THR F 135 -17.36 -8.40 -23.80
C THR F 135 -16.77 -9.75 -24.21
N THR F 136 -17.15 -10.23 -25.38
CA THR F 136 -16.66 -11.51 -25.86
C THR F 136 -16.08 -11.39 -27.26
N THR F 137 -15.39 -12.44 -27.69
CA THR F 137 -14.80 -12.51 -29.01
C THR F 137 -15.74 -13.35 -29.87
N GLU F 138 -16.98 -13.48 -29.41
CA GLU F 138 -18.01 -14.23 -30.10
C GLU F 138 -17.58 -15.65 -30.49
N LYS F 139 -17.20 -16.44 -29.47
CA LYS F 139 -16.77 -17.84 -29.63
C LYS F 139 -15.48 -18.03 -30.44
N LEU F 140 -14.78 -16.94 -30.73
CA LEU F 140 -13.55 -17.02 -31.50
C LEU F 140 -12.31 -16.91 -30.62
N GLY F 141 -11.21 -17.44 -31.10
CA GLY F 141 -9.95 -17.38 -30.36
C GLY F 141 -9.94 -18.21 -29.10
N PHE F 142 -8.87 -18.07 -28.32
CA PHE F 142 -8.73 -18.83 -27.09
C PHE F 142 -9.73 -18.44 -26.02
N THR F 143 -10.16 -17.19 -25.96
CA THR F 143 -11.17 -16.85 -24.95
C THR F 143 -12.49 -17.42 -25.47
N GLY F 144 -12.66 -17.40 -26.79
CA GLY F 144 -13.86 -17.93 -27.40
C GLY F 144 -14.02 -19.42 -27.17
N ARG F 145 -12.93 -20.17 -27.26
CA ARG F 145 -12.99 -21.62 -27.05
C ARG F 145 -12.94 -21.93 -25.55
N GLN F 146 -13.01 -20.89 -24.74
CA GLN F 146 -13.00 -21.04 -23.29
C GLN F 146 -11.76 -21.74 -22.74
N GLU F 147 -10.60 -21.42 -23.32
CA GLU F 147 -9.34 -22.00 -22.87
C GLU F 147 -8.76 -21.08 -21.79
N GLY F 148 -9.35 -19.89 -21.68
CA GLY F 148 -8.91 -18.92 -20.71
C GLY F 148 -9.67 -17.62 -20.87
N ILE F 149 -9.23 -16.60 -20.15
CA ILE F 149 -9.86 -15.29 -20.23
C ILE F 149 -8.79 -14.20 -20.31
N ALA F 150 -9.21 -13.01 -20.73
CA ALA F 150 -8.27 -11.91 -20.87
C ALA F 150 -8.87 -10.58 -20.45
N CYS F 151 -8.00 -9.58 -20.33
CA CYS F 151 -8.43 -8.25 -19.97
C CYS F 151 -7.49 -7.17 -20.50
N GLU F 152 -8.09 -6.09 -20.97
CA GLU F 152 -7.36 -4.95 -21.51
C GLU F 152 -7.67 -3.82 -20.53
N ALA F 153 -6.70 -2.95 -20.28
CA ALA F 153 -6.93 -1.83 -19.37
C ALA F 153 -6.12 -0.60 -19.71
N VAL F 154 -6.70 0.57 -19.44
CA VAL F 154 -6.00 1.83 -19.67
C VAL F 154 -6.16 2.69 -18.40
N ALA F 155 -5.14 3.46 -18.08
CA ALA F 155 -5.21 4.29 -16.88
C ALA F 155 -4.64 5.69 -17.11
N LEU F 156 -5.25 6.66 -16.47
CA LEU F 156 -4.77 8.04 -16.57
C LEU F 156 -4.33 8.47 -15.18
N LEU F 157 -3.08 8.91 -15.06
CA LEU F 157 -2.55 9.35 -13.79
C LEU F 157 -2.47 10.88 -13.76
N ILE F 158 -2.77 11.47 -12.60
CA ILE F 158 -2.71 12.92 -12.43
C ILE F 158 -1.76 13.28 -11.30
N ARG F 159 -0.76 14.11 -11.60
CA ARG F 159 0.20 14.52 -10.59
C ARG F 159 -0.48 15.32 -9.47
N GLN F 160 -0.31 14.86 -8.24
CA GLN F 160 -0.91 15.50 -7.07
C GLN F 160 -0.45 16.96 -6.98
MN MN G . -0.98 6.48 39.52
C ACY H . -5.49 2.07 26.91
O ACY H . -6.53 2.80 26.70
OXT ACY H . -5.49 0.77 27.11
CH3 ACY H . -4.21 2.85 26.92
MN MN I . 4.28 -12.16 25.91
P1 POP J . -6.95 -1.78 27.69
P1 POP J . -7.02 -1.84 27.74
P1 POP J . -6.74 -1.93 27.61
O1 POP J . -6.30 -0.41 27.60
O1 POP J . -5.79 -2.02 28.62
O1 POP J . -5.59 -2.18 26.65
O2 POP J . -6.53 -2.55 28.89
O2 POP J . -6.80 -2.32 26.36
O2 POP J . -7.25 -0.54 27.55
O3 POP J . -6.68 -2.54 26.38
O3 POP J . -7.44 -0.36 27.79
O3 POP J . -6.28 -2.33 29.03
O POP J . -8.55 -1.52 27.81
O POP J . -8.18 -2.73 28.42
O POP J . -7.94 -2.93 27.16
P2 POP J . -9.77 -2.47 27.93
P2 POP J . -9.67 -3.00 28.04
P2 POP J . -9.37 -3.20 27.73
O4 POP J . -9.23 -3.82 28.15
O4 POP J . -9.93 -2.24 26.82
O4 POP J . -9.67 -2.11 28.64
O5 POP J . -10.60 -1.98 29.07
O5 POP J . -9.79 -4.47 27.86
O5 POP J . -10.27 -3.24 26.54
O6 POP J . -10.47 -2.34 26.59
O6 POP J . -10.45 -2.47 29.22
O6 POP J . -9.28 -4.53 28.43
C ACY K . -3.54 -1.75 30.34
O ACY K . -4.18 -2.04 31.43
OXT ACY K . -4.07 -1.56 29.16
CH3 ACY K . -2.06 -1.62 30.55
MN MN L . -4.13 7.77 15.68
C ACY M . -3.86 -2.97 24.72
O ACY M . -4.33 -4.07 24.22
OXT ACY M . -4.43 -2.23 25.65
CH3 ACY M . -2.55 -2.56 24.10
MN MN N . 2.59 -5.17 -39.32
P1 POP O . -5.73 -15.93 -31.14
P1 POP O . -6.54 -15.78 -30.88
P1 POP O . -6.01 -15.76 -30.90
O1 POP O . -4.61 -15.04 -30.64
O1 POP O . -6.80 -14.39 -31.47
O1 POP O . -6.64 -14.97 -29.76
O2 POP O . -6.42 -15.36 -32.31
O2 POP O . -7.43 -16.06 -29.74
O2 POP O . -4.53 -15.84 -30.80
O3 POP O . -6.70 -16.22 -29.96
O3 POP O . -5.05 -15.88 -30.50
O3 POP O . -6.47 -15.14 -32.24
O POP O . -5.03 -17.33 -31.58
O POP O . -6.84 -16.85 -32.06
O POP O . -6.60 -17.27 -30.80
P2 POP O . -5.59 -18.67 -32.16
P2 POP O . -6.78 -18.41 -32.13
P2 POP O . -6.36 -18.55 -31.65
O4 POP O . -7.01 -18.44 -32.42
O4 POP O . -6.41 -18.88 -30.80
O4 POP O . -5.42 -18.19 -32.69
O5 POP O . -4.81 -18.98 -33.39
O5 POP O . -8.12 -18.90 -32.57
O5 POP O . -5.83 -19.60 -30.73
O6 POP O . -5.36 -19.67 -31.04
O6 POP O . -5.69 -18.69 -33.15
O6 POP O . -7.73 -18.91 -32.21
C ACY P . -3.15 -13.48 -29.06
O ACY P . -2.27 -14.39 -28.90
OXT ACY P . -4.35 -13.64 -29.56
CH3 ACY P . -2.70 -12.13 -28.60
C ACY Q . -6.45 -11.82 -32.97
O ACY Q . -6.42 -12.19 -34.21
OXT ACY Q . -6.31 -12.60 -31.92
CH3 ACY Q . -6.69 -10.35 -32.81
MN MN R . -0.52 -13.51 -16.94
C ACY S . -8.67 -13.81 -27.94
O ACY S . -9.69 -14.57 -27.79
OXT ACY S . -7.63 -14.04 -28.71
CH3 ACY S . -8.75 -12.55 -27.14
#